data_1WVK
#
_entry.id   1WVK
#
_entity_poly.entity_id   1
_entity_poly.type   'polypeptide(L)'
_entity_poly.pdbx_seq_one_letter_code
;GHHHHHHLEGGGNAQKSAMARAKNLEKAKAAGKGSQLEANKKAMSIQCKVCMQTFICTTSEVKCREHAEAKHPKADVVAC
FPHLKK
;
_entity_poly.pdbx_strand_id   A
#
# COMPACT_ATOMS: atom_id res chain seq x y z
N GLY A 1 18.16 -7.00 -36.47
CA GLY A 1 17.00 -6.52 -35.73
C GLY A 1 15.75 -7.15 -36.25
N HIS A 2 14.81 -7.50 -35.37
CA HIS A 2 13.57 -8.14 -35.83
C HIS A 2 12.38 -7.89 -34.91
N HIS A 3 12.48 -6.89 -34.02
CA HIS A 3 11.37 -6.54 -33.10
C HIS A 3 11.73 -5.27 -32.31
N HIS A 4 12.98 -5.20 -31.87
CA HIS A 4 13.52 -4.07 -31.13
C HIS A 4 15.03 -4.30 -31.13
N HIS A 5 15.83 -3.31 -30.72
CA HIS A 5 17.31 -3.49 -30.71
C HIS A 5 17.75 -4.60 -29.75
N HIS A 6 17.66 -4.37 -28.45
CA HIS A 6 18.06 -5.37 -27.47
C HIS A 6 16.93 -5.86 -26.60
N HIS A 7 17.26 -6.81 -25.71
CA HIS A 7 16.31 -7.40 -24.77
C HIS A 7 16.97 -7.53 -23.44
N LEU A 8 16.62 -6.62 -22.53
CA LEU A 8 17.16 -6.58 -21.14
C LEU A 8 18.67 -6.30 -21.12
N GLU A 9 19.00 -5.04 -20.90
CA GLU A 9 20.37 -4.62 -20.83
C GLU A 9 20.87 -4.79 -19.40
N GLY A 10 19.96 -4.73 -18.44
CA GLY A 10 20.32 -4.90 -17.04
C GLY A 10 19.84 -3.74 -16.20
N GLY A 11 19.97 -2.55 -16.71
CA GLY A 11 19.57 -1.37 -15.98
C GLY A 11 19.65 -0.14 -16.81
N GLY A 12 19.61 1.00 -16.17
CA GLY A 12 19.65 2.24 -16.86
C GLY A 12 18.83 3.28 -16.14
N ASN A 13 17.55 3.42 -16.57
CA ASN A 13 16.60 4.41 -16.02
C ASN A 13 17.08 5.85 -16.23
N ALA A 14 16.58 6.48 -17.26
CA ALA A 14 16.93 7.84 -17.59
C ALA A 14 15.84 8.42 -18.45
N GLN A 15 15.93 9.70 -18.75
CA GLN A 15 14.94 10.38 -19.58
C GLN A 15 14.81 9.72 -20.99
N LYS A 16 15.94 9.23 -21.50
CA LYS A 16 15.99 8.61 -22.83
C LYS A 16 15.68 7.11 -22.74
N SER A 17 15.02 6.69 -21.69
CA SER A 17 14.73 5.28 -21.52
C SER A 17 13.30 4.94 -22.00
N ALA A 18 12.46 5.97 -22.10
CA ALA A 18 11.00 5.86 -22.41
C ALA A 18 10.62 4.86 -23.52
N MET A 19 11.44 4.69 -24.54
CA MET A 19 11.11 3.73 -25.59
C MET A 19 12.23 2.72 -25.80
N ALA A 20 13.47 3.19 -25.74
CA ALA A 20 14.62 2.35 -25.98
C ALA A 20 14.76 1.25 -24.91
N ARG A 21 14.61 1.63 -23.65
CA ARG A 21 14.79 0.71 -22.51
C ARG A 21 13.50 0.60 -21.70
N ALA A 22 12.37 0.87 -22.35
CA ALA A 22 11.04 0.77 -21.69
C ALA A 22 10.78 -0.64 -21.14
N LYS A 23 11.30 -1.62 -21.84
CA LYS A 23 11.12 -3.01 -21.43
C LYS A 23 12.24 -3.45 -20.55
N ASN A 24 13.13 -2.56 -20.23
CA ASN A 24 14.21 -2.97 -19.41
C ASN A 24 13.78 -2.86 -17.98
N LEU A 25 13.30 -1.68 -17.61
CA LEU A 25 12.81 -1.42 -16.27
C LEU A 25 12.26 -0.01 -16.15
N GLU A 26 10.99 0.09 -15.94
CA GLU A 26 10.32 1.37 -15.67
C GLU A 26 9.81 1.39 -14.24
N LYS A 27 9.72 0.18 -13.63
CA LYS A 27 9.06 -0.01 -12.33
C LYS A 27 7.58 0.32 -12.43
N ALA A 28 7.25 1.61 -12.27
CA ALA A 28 5.88 2.17 -12.34
C ALA A 28 5.92 3.56 -11.74
N LYS A 29 6.37 3.61 -10.52
CA LYS A 29 6.48 4.84 -9.78
C LYS A 29 7.95 5.14 -9.52
N ALA A 30 8.30 6.42 -9.62
CA ALA A 30 9.70 6.88 -9.49
C ALA A 30 10.25 6.73 -8.07
N ALA A 31 9.38 6.60 -7.12
CA ALA A 31 9.79 6.47 -5.75
C ALA A 31 8.98 5.36 -5.08
N GLY A 32 7.70 5.61 -4.94
CA GLY A 32 6.84 4.65 -4.33
C GLY A 32 5.61 5.30 -3.80
N LYS A 33 5.31 5.04 -2.57
CA LYS A 33 4.14 5.60 -1.90
C LYS A 33 4.39 5.61 -0.42
N GLY A 34 5.09 4.60 0.04
CA GLY A 34 5.43 4.46 1.41
C GLY A 34 5.87 3.06 1.63
N SER A 35 5.73 2.58 2.85
CA SER A 35 6.06 1.22 3.22
C SER A 35 7.57 0.96 3.20
N GLN A 36 8.21 1.22 4.31
CA GLN A 36 9.62 0.99 4.45
C GLN A 36 9.79 0.26 5.76
N LEU A 37 10.43 -0.91 5.70
CA LEU A 37 10.62 -1.82 6.87
C LEU A 37 9.27 -2.45 7.31
N GLU A 38 8.22 -2.03 6.64
CA GLU A 38 6.85 -2.48 6.83
C GLU A 38 6.65 -3.87 6.28
N ALA A 39 5.50 -4.44 6.59
CA ALA A 39 5.15 -5.75 6.10
C ALA A 39 4.42 -5.61 4.76
N ASN A 40 4.24 -6.72 4.08
CA ASN A 40 3.56 -6.75 2.79
C ASN A 40 2.11 -6.28 2.90
N LYS A 41 1.81 -5.15 2.29
CA LYS A 41 0.51 -4.58 2.35
C LYS A 41 -0.09 -4.51 0.96
N LYS A 42 0.49 -5.30 0.04
CA LYS A 42 -0.03 -5.39 -1.34
C LYS A 42 -1.16 -6.42 -1.39
N ALA A 43 -1.55 -6.88 -0.22
CA ALA A 43 -2.54 -7.94 -0.06
C ALA A 43 -3.95 -7.39 -0.07
N MET A 44 -4.06 -6.05 -0.10
CA MET A 44 -5.34 -5.35 -0.01
C MET A 44 -5.91 -5.55 1.39
N SER A 45 -5.39 -4.78 2.31
CA SER A 45 -5.72 -4.86 3.69
C SER A 45 -7.12 -4.31 4.07
N ILE A 46 -7.20 -3.04 4.32
CA ILE A 46 -8.42 -2.40 4.78
C ILE A 46 -8.72 -1.14 3.96
N GLN A 47 -9.90 -1.08 3.38
CA GLN A 47 -10.32 0.11 2.60
C GLN A 47 -10.95 1.14 3.52
N CYS A 48 -10.60 2.37 3.30
CA CYS A 48 -11.11 3.48 4.06
C CYS A 48 -12.50 3.85 3.61
N LYS A 49 -13.35 3.97 4.59
CA LYS A 49 -14.76 4.27 4.47
C LYS A 49 -14.98 5.63 3.74
N VAL A 50 -14.01 6.54 3.84
CA VAL A 50 -14.13 7.86 3.25
C VAL A 50 -14.29 7.80 1.72
N CYS A 51 -13.69 6.79 1.09
CA CYS A 51 -13.76 6.66 -0.35
C CYS A 51 -13.41 5.24 -0.78
N MET A 52 -12.12 4.94 -0.88
CA MET A 52 -11.69 3.63 -1.38
C MET A 52 -10.21 3.41 -1.03
N GLN A 53 -9.75 4.12 -0.03
CA GLN A 53 -8.30 4.11 0.27
C GLN A 53 -7.97 2.93 1.12
N THR A 54 -6.80 2.88 1.68
CA THR A 54 -6.44 1.73 2.41
C THR A 54 -5.64 2.04 3.70
N PHE A 55 -5.63 1.07 4.58
CA PHE A 55 -4.96 1.07 5.85
C PHE A 55 -4.38 -0.29 6.05
N ILE A 56 -3.32 -0.39 6.81
CA ILE A 56 -2.64 -1.66 7.04
C ILE A 56 -3.43 -2.58 7.97
N CYS A 57 -3.50 -3.84 7.61
CA CYS A 57 -4.15 -4.82 8.43
C CYS A 57 -3.24 -5.23 9.58
N THR A 58 -3.11 -4.35 10.55
CA THR A 58 -2.44 -4.65 11.78
C THR A 58 -3.47 -5.28 12.74
N THR A 59 -4.71 -5.29 12.30
CA THR A 59 -5.81 -5.86 13.02
C THR A 59 -6.81 -6.40 12.01
N SER A 60 -7.35 -7.56 12.28
CA SER A 60 -8.26 -8.23 11.37
C SER A 60 -9.64 -7.50 11.31
N GLU A 61 -10.47 -7.80 12.29
CA GLU A 61 -11.81 -7.25 12.43
C GLU A 61 -12.45 -7.85 13.66
N VAL A 62 -12.16 -9.10 13.91
CA VAL A 62 -12.65 -9.74 15.11
C VAL A 62 -11.94 -9.19 16.35
N LYS A 63 -10.66 -8.92 16.21
CA LYS A 63 -9.91 -8.36 17.32
C LYS A 63 -10.33 -6.88 17.52
N CYS A 64 -10.77 -6.23 16.46
CA CYS A 64 -11.23 -4.87 16.63
C CYS A 64 -12.65 -4.86 17.12
N ARG A 65 -13.37 -5.94 16.83
CA ARG A 65 -14.71 -6.15 17.32
C ARG A 65 -14.75 -6.12 18.85
N GLU A 66 -13.82 -6.84 19.48
CA GLU A 66 -13.76 -6.87 20.94
C GLU A 66 -13.38 -5.47 21.48
N HIS A 67 -12.52 -4.79 20.74
CA HIS A 67 -12.07 -3.45 21.10
C HIS A 67 -13.16 -2.41 20.85
N ALA A 68 -14.05 -2.73 19.97
CA ALA A 68 -15.11 -1.84 19.57
C ALA A 68 -16.17 -1.76 20.63
N GLU A 69 -16.71 -2.91 21.00
CA GLU A 69 -17.74 -3.01 22.02
C GLU A 69 -17.26 -2.46 23.35
N ALA A 70 -15.99 -2.65 23.61
CA ALA A 70 -15.34 -2.22 24.81
C ALA A 70 -15.05 -0.73 24.81
N LYS A 71 -15.17 -0.08 23.67
CA LYS A 71 -14.84 1.33 23.54
C LYS A 71 -15.90 2.11 22.83
N HIS A 72 -15.83 2.11 21.49
CA HIS A 72 -16.72 2.90 20.62
C HIS A 72 -16.98 4.33 21.12
N PRO A 73 -15.92 5.15 21.26
CA PRO A 73 -16.05 6.52 21.75
C PRO A 73 -16.87 7.38 20.81
N LYS A 74 -16.38 7.52 19.57
CA LYS A 74 -17.07 8.34 18.56
C LYS A 74 -16.51 8.04 17.17
N ALA A 75 -15.87 6.87 17.04
CA ALA A 75 -15.15 6.48 15.82
C ALA A 75 -13.98 7.42 15.61
N ASP A 76 -14.26 8.57 15.03
CA ASP A 76 -13.28 9.68 14.82
C ASP A 76 -12.01 9.24 14.10
N VAL A 77 -11.02 8.78 14.85
CA VAL A 77 -9.81 8.29 14.27
C VAL A 77 -10.06 6.94 13.63
N VAL A 78 -11.08 6.26 14.13
CA VAL A 78 -11.47 5.00 13.57
C VAL A 78 -12.74 5.16 12.72
N ALA A 79 -13.10 6.41 12.40
CA ALA A 79 -14.30 6.67 11.53
C ALA A 79 -14.02 6.24 10.12
N CYS A 80 -12.76 6.01 9.85
CA CYS A 80 -12.31 5.55 8.57
C CYS A 80 -12.59 4.04 8.42
N PHE A 81 -12.80 3.38 9.53
CA PHE A 81 -13.15 1.97 9.55
C PHE A 81 -13.88 1.70 10.86
N PRO A 82 -15.20 1.96 10.90
CA PRO A 82 -16.01 1.91 12.14
C PRO A 82 -16.11 0.52 12.81
N HIS A 83 -15.42 -0.50 12.29
CA HIS A 83 -15.41 -1.81 12.99
C HIS A 83 -14.56 -1.75 14.23
N LEU A 84 -13.87 -0.65 14.37
CA LEU A 84 -13.00 -0.46 15.48
C LEU A 84 -13.81 0.33 16.56
N LYS A 85 -15.09 0.58 16.24
CA LYS A 85 -16.03 1.28 17.10
C LYS A 85 -17.47 0.67 17.04
N LYS A 86 -17.85 -0.07 18.09
CA LYS A 86 -19.21 -0.70 18.20
C LYS A 86 -19.52 -1.65 16.99
N GLY A 1 26.47 -10.44 -29.99
CA GLY A 1 25.41 -9.66 -29.34
C GLY A 1 25.88 -8.29 -28.94
N HIS A 2 25.75 -7.96 -27.69
CA HIS A 2 26.14 -6.62 -27.20
C HIS A 2 27.38 -6.72 -26.32
N HIS A 3 27.87 -5.61 -25.82
CA HIS A 3 29.10 -5.62 -25.01
C HIS A 3 28.82 -5.64 -23.52
N HIS A 4 28.08 -4.66 -23.05
CA HIS A 4 27.76 -4.60 -21.63
C HIS A 4 26.26 -4.36 -21.43
N HIS A 5 25.62 -5.31 -20.78
CA HIS A 5 24.19 -5.24 -20.53
C HIS A 5 23.90 -4.52 -19.21
N HIS A 6 23.48 -3.27 -19.31
CA HIS A 6 23.13 -2.49 -18.12
C HIS A 6 21.72 -2.86 -17.66
N HIS A 7 21.42 -2.60 -16.40
CA HIS A 7 20.11 -2.92 -15.85
C HIS A 7 19.72 -1.87 -14.82
N LEU A 8 18.39 -1.68 -14.62
CA LEU A 8 17.83 -0.68 -13.67
C LEU A 8 17.99 0.73 -14.26
N GLU A 9 19.21 1.20 -14.35
CA GLU A 9 19.47 2.49 -14.92
C GLU A 9 19.58 2.39 -16.41
N GLY A 10 18.50 2.74 -17.05
CA GLY A 10 18.43 2.70 -18.47
C GLY A 10 17.73 1.46 -18.93
N GLY A 11 16.79 1.62 -19.82
CA GLY A 11 16.04 0.50 -20.28
C GLY A 11 15.82 0.56 -21.76
N GLY A 12 14.63 0.19 -22.17
CA GLY A 12 14.28 0.17 -23.57
C GLY A 12 13.15 -0.80 -23.79
N ASN A 13 13.47 -2.11 -23.65
CA ASN A 13 12.51 -3.22 -23.81
C ASN A 13 12.14 -3.46 -25.29
N ALA A 14 11.89 -4.72 -25.65
CA ALA A 14 11.55 -5.08 -27.05
C ALA A 14 11.06 -6.53 -27.15
N GLN A 15 12.00 -7.46 -27.04
CA GLN A 15 11.69 -8.87 -27.15
C GLN A 15 11.93 -9.57 -25.83
N LYS A 16 10.99 -10.46 -25.46
CA LYS A 16 11.09 -11.30 -24.23
C LYS A 16 10.98 -10.46 -22.92
N SER A 17 11.04 -9.14 -23.04
CA SER A 17 11.03 -8.23 -21.91
C SER A 17 9.62 -8.01 -21.29
N ALA A 18 8.78 -9.05 -21.36
CA ALA A 18 7.41 -8.99 -20.84
C ALA A 18 7.41 -8.83 -19.32
N MET A 19 8.27 -9.59 -18.64
CA MET A 19 8.38 -9.50 -17.19
C MET A 19 9.47 -8.52 -16.80
N ALA A 20 10.37 -8.25 -17.73
CA ALA A 20 11.50 -7.37 -17.51
C ALA A 20 11.05 -5.93 -17.34
N ARG A 21 9.99 -5.55 -18.05
CA ARG A 21 9.45 -4.18 -17.96
C ARG A 21 9.02 -3.84 -16.55
N ALA A 22 8.61 -4.86 -15.77
CA ALA A 22 8.14 -4.68 -14.40
C ALA A 22 9.32 -4.50 -13.44
N LYS A 23 10.50 -4.40 -13.99
CA LYS A 23 11.72 -4.15 -13.25
C LYS A 23 12.47 -3.03 -13.92
N ASN A 24 11.93 -2.52 -15.00
CA ASN A 24 12.62 -1.51 -15.74
C ASN A 24 11.95 -0.16 -15.60
N LEU A 25 10.79 -0.01 -16.25
CA LEU A 25 10.07 1.26 -16.27
C LEU A 25 8.56 1.00 -16.22
N GLU A 26 7.91 1.64 -15.27
CA GLU A 26 6.49 1.51 -15.09
C GLU A 26 5.88 2.87 -14.80
N LYS A 27 4.76 3.18 -15.43
CA LYS A 27 4.10 4.43 -15.20
C LYS A 27 2.64 4.15 -14.86
N ALA A 28 2.31 4.29 -13.62
CA ALA A 28 0.95 4.13 -13.18
C ALA A 28 0.53 5.35 -12.38
N LYS A 29 1.30 5.66 -11.36
CA LYS A 29 1.12 6.86 -10.58
C LYS A 29 2.45 7.60 -10.46
N ALA A 30 2.40 8.85 -9.99
CA ALA A 30 3.60 9.69 -9.85
C ALA A 30 4.48 9.23 -8.68
N ALA A 31 3.86 8.62 -7.67
CA ALA A 31 4.58 8.13 -6.52
C ALA A 31 3.82 7.01 -5.85
N GLY A 32 2.69 7.35 -5.24
CA GLY A 32 1.87 6.36 -4.58
C GLY A 32 2.35 6.10 -3.17
N LYS A 33 3.53 5.53 -3.05
CA LYS A 33 4.14 5.22 -1.77
C LYS A 33 5.62 4.99 -2.00
N GLY A 34 6.37 4.93 -0.94
CA GLY A 34 7.78 4.67 -1.05
C GLY A 34 8.22 3.61 -0.08
N SER A 35 9.09 4.01 0.84
CA SER A 35 9.64 3.15 1.90
C SER A 35 10.40 1.92 1.32
N GLN A 36 10.70 0.93 2.19
CA GLN A 36 11.47 -0.28 1.81
C GLN A 36 11.58 -1.21 2.99
N LEU A 37 11.66 -0.61 4.18
CA LEU A 37 11.79 -1.33 5.43
C LEU A 37 10.47 -1.91 5.95
N GLU A 38 9.44 -1.89 5.14
CA GLU A 38 8.12 -2.37 5.59
C GLU A 38 8.05 -3.90 5.58
N ALA A 39 8.97 -4.51 4.83
CA ALA A 39 9.07 -5.95 4.65
C ALA A 39 7.91 -6.52 3.82
N ASN A 40 6.77 -6.77 4.45
CA ASN A 40 5.61 -7.34 3.76
C ASN A 40 4.37 -7.23 4.63
N LYS A 41 3.27 -6.81 4.05
CA LYS A 41 2.02 -6.61 4.76
C LYS A 41 1.20 -7.87 4.71
N LYS A 42 1.33 -8.63 3.58
CA LYS A 42 0.50 -9.80 3.28
C LYS A 42 -0.95 -9.39 3.03
N ALA A 43 -1.33 -9.35 1.76
CA ALA A 43 -2.69 -8.99 1.33
C ALA A 43 -2.99 -7.51 1.58
N MET A 44 -1.96 -6.74 1.96
CA MET A 44 -2.04 -5.29 2.19
C MET A 44 -2.87 -4.94 3.46
N SER A 45 -3.25 -5.96 4.22
CA SER A 45 -4.02 -5.79 5.45
C SER A 45 -5.36 -5.04 5.25
N ILE A 46 -5.34 -3.74 5.53
CA ILE A 46 -6.53 -2.90 5.47
C ILE A 46 -6.28 -1.70 4.54
N GLN A 47 -7.34 -1.07 4.07
CA GLN A 47 -7.27 0.11 3.22
C GLN A 47 -7.96 1.29 3.91
N CYS A 48 -7.27 2.40 3.93
CA CYS A 48 -7.73 3.62 4.58
C CYS A 48 -8.92 4.25 3.84
N LYS A 49 -9.92 4.64 4.63
CA LYS A 49 -11.19 5.24 4.18
C LYS A 49 -10.93 6.56 3.46
N VAL A 50 -9.85 7.23 3.84
CA VAL A 50 -9.56 8.57 3.31
C VAL A 50 -9.33 8.56 1.82
N CYS A 51 -8.90 7.42 1.29
CA CYS A 51 -8.67 7.28 -0.13
C CYS A 51 -8.45 5.82 -0.51
N MET A 52 -7.26 5.30 -0.23
CA MET A 52 -6.87 3.94 -0.59
C MET A 52 -5.57 3.51 0.06
N GLN A 53 -5.30 4.00 1.26
CA GLN A 53 -3.98 3.74 1.89
C GLN A 53 -4.08 2.48 2.70
N THR A 54 -3.14 2.22 3.54
CA THR A 54 -3.19 0.98 4.24
C THR A 54 -2.87 1.15 5.73
N PHE A 55 -3.15 0.09 6.45
CA PHE A 55 -2.88 -0.05 7.85
C PHE A 55 -2.30 -1.44 8.02
N ILE A 56 -1.50 -1.64 9.04
CA ILE A 56 -0.85 -2.94 9.27
C ILE A 56 -1.78 -3.89 10.02
N CYS A 57 -1.87 -5.13 9.54
CA CYS A 57 -2.66 -6.14 10.20
C CYS A 57 -2.02 -6.59 11.51
N THR A 58 -2.10 -5.77 12.50
CA THR A 58 -1.75 -6.16 13.85
C THR A 58 -2.95 -6.89 14.47
N THR A 59 -4.04 -6.93 13.72
CA THR A 59 -5.27 -7.59 14.12
C THR A 59 -6.08 -7.80 12.86
N SER A 60 -6.89 -8.84 12.82
CA SER A 60 -7.68 -9.11 11.68
C SER A 60 -8.87 -8.19 11.77
N GLU A 61 -9.28 -7.63 10.63
CA GLU A 61 -10.41 -6.69 10.58
C GLU A 61 -11.65 -7.31 11.23
N VAL A 62 -11.77 -8.62 11.11
CA VAL A 62 -12.91 -9.34 11.62
C VAL A 62 -13.05 -9.23 13.15
N LYS A 63 -11.94 -9.12 13.88
CA LYS A 63 -12.08 -9.00 15.33
C LYS A 63 -12.44 -7.54 15.64
N CYS A 64 -11.87 -6.65 14.87
CA CYS A 64 -12.17 -5.24 15.01
C CYS A 64 -13.63 -4.99 14.60
N ARG A 65 -14.12 -5.84 13.71
CA ARG A 65 -15.45 -5.80 13.21
C ARG A 65 -16.49 -5.95 14.29
N GLU A 66 -16.38 -7.03 15.06
CA GLU A 66 -17.36 -7.29 16.12
C GLU A 66 -17.30 -6.21 17.17
N HIS A 67 -16.12 -5.68 17.40
CA HIS A 67 -15.93 -4.63 18.37
C HIS A 67 -16.57 -3.34 17.85
N ALA A 68 -16.44 -3.14 16.56
CA ALA A 68 -16.96 -1.96 15.92
C ALA A 68 -18.46 -1.97 15.85
N GLU A 69 -19.05 -3.06 15.42
CA GLU A 69 -20.50 -3.12 15.25
C GLU A 69 -21.23 -3.17 16.59
N ALA A 70 -20.51 -3.50 17.65
CA ALA A 70 -21.07 -3.51 18.98
C ALA A 70 -20.80 -2.19 19.70
N LYS A 71 -19.85 -1.42 19.20
CA LYS A 71 -19.49 -0.14 19.84
C LYS A 71 -19.72 1.04 18.89
N HIS A 72 -18.77 1.28 17.98
CA HIS A 72 -18.79 2.40 16.99
C HIS A 72 -19.23 3.76 17.58
N PRO A 73 -18.56 4.26 18.66
CA PRO A 73 -18.93 5.51 19.28
C PRO A 73 -18.50 6.73 18.47
N LYS A 74 -17.20 6.85 18.24
CA LYS A 74 -16.65 8.02 17.58
C LYS A 74 -15.27 7.73 16.99
N ALA A 75 -15.22 7.58 15.71
CA ALA A 75 -13.96 7.40 15.03
C ALA A 75 -13.32 8.77 14.71
N ASP A 76 -12.20 9.08 15.36
CA ASP A 76 -11.51 10.37 15.13
C ASP A 76 -10.15 10.20 14.49
N VAL A 77 -9.17 9.78 15.27
CA VAL A 77 -7.84 9.52 14.74
C VAL A 77 -7.88 8.22 13.95
N VAL A 78 -8.90 7.44 14.23
CA VAL A 78 -9.15 6.21 13.53
C VAL A 78 -10.33 6.39 12.58
N ALA A 79 -10.71 7.65 12.30
CA ALA A 79 -11.80 7.95 11.30
C ALA A 79 -11.37 7.49 9.92
N CYS A 80 -10.08 7.24 9.81
CA CYS A 80 -9.46 6.72 8.63
C CYS A 80 -9.90 5.28 8.38
N PHE A 81 -10.46 4.66 9.40
CA PHE A 81 -11.09 3.36 9.27
C PHE A 81 -11.88 3.08 10.56
N PRO A 82 -13.19 3.51 10.60
CA PRO A 82 -14.06 3.44 11.82
C PRO A 82 -14.35 2.03 12.31
N HIS A 83 -13.76 1.06 11.67
CA HIS A 83 -13.92 -0.32 12.08
C HIS A 83 -12.86 -0.66 13.11
N LEU A 84 -12.00 0.31 13.43
CA LEU A 84 -10.89 0.10 14.37
C LEU A 84 -11.13 0.84 15.69
N LYS A 85 -12.31 1.41 15.89
CA LYS A 85 -12.60 2.14 17.11
C LYS A 85 -12.66 1.25 18.34
N LYS A 86 -12.41 1.90 19.43
CA LYS A 86 -12.39 1.29 20.74
C LYS A 86 -13.66 1.64 21.48
N GLY A 1 20.33 -9.51 -13.13
CA GLY A 1 19.30 -9.81 -12.13
C GLY A 1 18.83 -11.24 -12.25
N HIS A 2 18.52 -11.86 -11.13
CA HIS A 2 18.05 -13.24 -11.13
C HIS A 2 16.60 -13.34 -10.68
N HIS A 3 16.28 -12.71 -9.58
CA HIS A 3 14.94 -12.74 -9.05
C HIS A 3 14.27 -11.37 -9.26
N HIS A 4 13.08 -11.37 -9.86
CA HIS A 4 12.34 -10.12 -10.13
C HIS A 4 11.91 -9.44 -8.83
N HIS A 5 11.77 -8.14 -8.87
CA HIS A 5 11.39 -7.35 -7.72
C HIS A 5 10.16 -6.52 -8.06
N HIS A 6 9.35 -6.19 -7.07
CA HIS A 6 8.14 -5.38 -7.32
C HIS A 6 8.50 -3.93 -7.57
N HIS A 7 7.80 -3.31 -8.49
CA HIS A 7 8.09 -1.92 -8.86
C HIS A 7 6.80 -1.10 -8.82
N LEU A 8 6.96 0.23 -8.64
CA LEU A 8 5.85 1.20 -8.61
C LEU A 8 5.02 1.12 -7.30
N GLU A 9 4.39 2.24 -6.93
CA GLU A 9 3.52 2.39 -5.75
C GLU A 9 4.37 2.20 -4.47
N GLY A 10 5.67 2.35 -4.64
CA GLY A 10 6.61 2.19 -3.58
C GLY A 10 7.99 2.52 -4.07
N GLY A 11 8.94 2.58 -3.18
CA GLY A 11 10.30 2.91 -3.57
C GLY A 11 11.08 3.46 -2.41
N GLY A 12 10.41 4.24 -1.58
CA GLY A 12 11.07 4.79 -0.41
C GLY A 12 11.21 6.29 -0.48
N ASN A 13 11.01 6.85 -1.68
CA ASN A 13 11.10 8.30 -1.93
C ASN A 13 12.55 8.80 -1.75
N ALA A 14 12.75 10.12 -1.74
CA ALA A 14 14.07 10.71 -1.55
C ALA A 14 13.97 12.22 -1.27
N GLN A 15 14.28 13.06 -2.28
CA GLN A 15 14.25 14.51 -2.07
C GLN A 15 13.06 15.13 -2.80
N LYS A 16 13.14 15.18 -4.12
CA LYS A 16 12.07 15.80 -4.95
C LYS A 16 10.92 14.82 -5.17
N SER A 17 11.05 13.68 -4.52
CA SER A 17 10.09 12.62 -4.63
C SER A 17 8.89 12.89 -3.70
N ALA A 18 8.75 14.13 -3.26
CA ALA A 18 7.66 14.54 -2.40
C ALA A 18 6.35 14.62 -3.19
N MET A 19 6.47 14.81 -4.51
CA MET A 19 5.31 14.88 -5.38
C MET A 19 5.68 14.64 -6.84
N ALA A 20 6.91 14.98 -7.23
CA ALA A 20 7.34 14.75 -8.60
C ALA A 20 7.36 13.26 -8.88
N ARG A 21 7.91 12.51 -7.95
CA ARG A 21 7.93 11.06 -8.02
C ARG A 21 7.61 10.50 -6.64
N ALA A 22 6.36 10.60 -6.24
CA ALA A 22 5.94 10.08 -4.96
C ALA A 22 5.78 8.58 -5.05
N LYS A 23 6.55 7.85 -4.23
CA LYS A 23 6.61 6.38 -4.24
C LYS A 23 6.73 5.76 -5.61
N ASN A 24 7.87 5.87 -6.16
CA ASN A 24 8.09 5.35 -7.45
C ASN A 24 9.51 4.86 -7.57
N LEU A 25 9.73 3.88 -8.44
CA LEU A 25 11.04 3.36 -8.69
C LEU A 25 11.22 3.19 -10.21
N GLU A 26 10.67 2.11 -10.76
CA GLU A 26 10.73 1.89 -12.20
C GLU A 26 9.30 1.88 -12.74
N LYS A 27 9.17 1.83 -14.05
CA LYS A 27 7.86 1.77 -14.69
C LYS A 27 7.73 0.47 -15.44
N ALA A 28 6.97 -0.48 -14.89
CA ALA A 28 6.82 -1.80 -15.50
C ALA A 28 5.55 -2.47 -14.97
N LYS A 29 5.24 -3.65 -15.48
CA LYS A 29 4.06 -4.39 -15.04
C LYS A 29 4.25 -4.97 -13.64
N ALA A 30 3.50 -4.45 -12.70
CA ALA A 30 3.54 -4.90 -11.34
C ALA A 30 2.19 -4.73 -10.70
N ALA A 31 2.02 -5.35 -9.55
CA ALA A 31 0.77 -5.29 -8.81
C ALA A 31 0.76 -4.09 -7.87
N GLY A 32 1.97 -3.58 -7.58
CA GLY A 32 2.14 -2.45 -6.67
C GLY A 32 1.71 -2.81 -5.27
N LYS A 33 0.66 -2.14 -4.80
CA LYS A 33 0.00 -2.37 -3.48
C LYS A 33 0.83 -1.86 -2.30
N GLY A 34 2.07 -2.30 -2.20
CA GLY A 34 2.93 -1.88 -1.12
C GLY A 34 3.13 -2.97 -0.07
N SER A 35 4.29 -3.62 -0.11
CA SER A 35 4.62 -4.66 0.82
C SER A 35 6.12 -4.99 0.67
N GLN A 36 6.81 -5.14 1.79
CA GLN A 36 8.22 -5.48 1.80
C GLN A 36 8.56 -6.18 3.11
N LEU A 37 9.44 -7.18 3.02
CA LEU A 37 9.93 -8.00 4.17
C LEU A 37 8.86 -8.94 4.74
N GLU A 38 7.66 -8.43 4.92
CA GLU A 38 6.53 -9.17 5.48
C GLU A 38 6.01 -10.20 4.46
N ALA A 39 5.43 -9.69 3.36
CA ALA A 39 4.86 -10.51 2.25
C ALA A 39 3.61 -11.30 2.69
N ASN A 40 3.04 -10.94 3.84
CA ASN A 40 1.86 -11.63 4.35
C ASN A 40 0.60 -11.15 3.63
N LYS A 41 -0.12 -12.08 3.03
CA LYS A 41 -1.37 -11.79 2.35
C LYS A 41 -2.39 -12.91 2.65
N LYS A 42 -2.13 -13.61 3.72
CA LYS A 42 -3.01 -14.69 4.16
C LYS A 42 -4.33 -14.11 4.69
N ALA A 43 -5.40 -14.90 4.60
CA ALA A 43 -6.75 -14.52 5.05
C ALA A 43 -7.36 -13.38 4.21
N MET A 44 -6.71 -13.05 3.08
CA MET A 44 -7.17 -11.99 2.14
C MET A 44 -7.00 -10.59 2.70
N SER A 45 -6.18 -10.49 3.74
CA SER A 45 -5.83 -9.26 4.40
C SER A 45 -7.00 -8.37 4.86
N ILE A 46 -7.25 -7.28 4.14
CA ILE A 46 -8.33 -6.36 4.49
C ILE A 46 -9.34 -6.31 3.36
N GLN A 47 -10.62 -6.18 3.69
CA GLN A 47 -11.67 -6.07 2.70
C GLN A 47 -12.23 -4.63 2.80
N CYS A 48 -12.40 -4.00 1.67
CA CYS A 48 -12.84 -2.60 1.57
C CYS A 48 -14.27 -2.39 2.04
N LYS A 49 -14.44 -1.33 2.82
CA LYS A 49 -15.71 -0.93 3.43
C LYS A 49 -16.75 -0.57 2.34
N VAL A 50 -16.26 -0.13 1.17
CA VAL A 50 -17.15 0.34 0.10
C VAL A 50 -18.00 -0.78 -0.46
N CYS A 51 -17.44 -1.98 -0.48
CA CYS A 51 -18.07 -3.11 -1.07
C CYS A 51 -17.53 -4.40 -0.49
N MET A 52 -16.40 -4.85 -1.01
CA MET A 52 -15.79 -6.11 -0.56
C MET A 52 -14.50 -6.35 -1.37
N GLN A 53 -13.70 -5.32 -1.48
CA GLN A 53 -12.44 -5.40 -2.26
C GLN A 53 -11.32 -5.58 -1.29
N THR A 54 -10.10 -5.64 -1.71
CA THR A 54 -9.08 -5.92 -0.72
C THR A 54 -7.96 -4.89 -0.70
N PHE A 55 -7.34 -4.80 0.44
CA PHE A 55 -6.23 -3.95 0.72
C PHE A 55 -5.25 -4.72 1.53
N ILE A 56 -3.99 -4.45 1.37
CA ILE A 56 -2.98 -5.14 2.10
C ILE A 56 -2.98 -4.65 3.56
N CYS A 57 -2.95 -5.58 4.49
CA CYS A 57 -3.02 -5.25 5.91
C CYS A 57 -1.71 -4.68 6.42
N THR A 58 -0.63 -4.94 5.66
CA THR A 58 0.76 -4.48 5.88
C THR A 58 1.37 -4.82 7.28
N THR A 59 0.58 -5.39 8.16
CA THR A 59 1.02 -5.78 9.47
C THR A 59 0.11 -6.90 10.00
N SER A 60 -1.02 -6.52 10.60
CA SER A 60 -1.93 -7.50 11.16
C SER A 60 -3.35 -6.93 11.37
N GLU A 61 -3.59 -5.73 10.82
CA GLU A 61 -4.88 -4.99 10.94
C GLU A 61 -5.10 -4.50 12.39
N VAL A 62 -4.99 -5.38 13.38
CA VAL A 62 -5.21 -5.02 14.78
C VAL A 62 -4.34 -3.87 15.23
N LYS A 63 -3.11 -3.89 14.77
CA LYS A 63 -2.14 -2.86 15.09
C LYS A 63 -2.66 -1.49 14.57
N CYS A 64 -3.23 -1.49 13.37
CA CYS A 64 -3.75 -0.27 12.84
C CYS A 64 -5.10 0.03 13.49
N ARG A 65 -5.86 -1.05 13.84
CA ARG A 65 -7.17 -0.89 14.47
C ARG A 65 -7.08 -0.13 15.76
N GLU A 66 -6.17 -0.55 16.64
CA GLU A 66 -6.03 0.08 17.94
C GLU A 66 -5.52 1.51 17.83
N HIS A 67 -4.66 1.78 16.84
CA HIS A 67 -4.17 3.14 16.65
C HIS A 67 -5.29 4.01 16.03
N ALA A 68 -6.15 3.39 15.25
CA ALA A 68 -7.24 4.10 14.62
C ALA A 68 -8.29 4.49 15.61
N GLU A 69 -8.68 3.57 16.47
CA GLU A 69 -9.71 3.89 17.47
C GLU A 69 -9.16 4.83 18.55
N ALA A 70 -7.85 4.99 18.54
CA ALA A 70 -7.17 5.93 19.39
C ALA A 70 -7.36 7.35 18.85
N LYS A 71 -7.45 7.45 17.53
CA LYS A 71 -7.57 8.72 16.86
C LYS A 71 -8.85 8.80 16.05
N HIS A 72 -8.79 8.32 14.79
CA HIS A 72 -9.93 8.32 13.85
C HIS A 72 -10.67 9.70 13.84
N PRO A 73 -9.93 10.83 13.56
CA PRO A 73 -10.55 12.16 13.54
C PRO A 73 -11.54 12.27 12.40
N LYS A 74 -11.11 11.77 11.27
CA LYS A 74 -11.89 11.71 10.08
C LYS A 74 -11.18 10.87 9.05
N ALA A 75 -11.65 9.68 8.82
CA ALA A 75 -11.11 8.88 7.71
C ALA A 75 -11.50 9.56 6.37
N ASP A 76 -10.50 10.07 5.65
CA ASP A 76 -10.71 10.86 4.40
C ASP A 76 -10.81 9.94 3.19
N VAL A 77 -9.66 9.69 2.57
CA VAL A 77 -9.58 8.79 1.46
C VAL A 77 -9.34 7.40 1.98
N VAL A 78 -8.93 7.35 3.24
CA VAL A 78 -8.69 6.08 3.91
C VAL A 78 -9.97 5.58 4.51
N ALA A 79 -11.06 6.28 4.18
CA ALA A 79 -12.41 5.92 4.62
C ALA A 79 -12.87 4.59 4.04
N CYS A 80 -12.03 4.01 3.20
CA CYS A 80 -12.25 2.70 2.64
C CYS A 80 -12.01 1.65 3.71
N PHE A 81 -11.24 2.03 4.70
CA PHE A 81 -11.07 1.24 5.89
C PHE A 81 -10.54 2.19 6.95
N PRO A 82 -11.47 2.85 7.70
CA PRO A 82 -11.14 3.92 8.70
C PRO A 82 -10.24 3.51 9.85
N HIS A 83 -9.73 2.32 9.77
CA HIS A 83 -8.84 1.85 10.77
C HIS A 83 -7.40 2.00 10.29
N LEU A 84 -7.21 2.61 9.14
CA LEU A 84 -5.91 2.80 8.58
C LEU A 84 -5.45 4.27 8.66
N LYS A 85 -6.26 5.14 9.33
CA LYS A 85 -5.87 6.58 9.49
C LYS A 85 -4.43 6.80 10.00
N LYS A 86 -4.11 6.32 11.22
CA LYS A 86 -2.75 6.42 11.79
C LYS A 86 -2.33 7.88 12.12
N GLY A 1 31.99 3.95 -5.68
CA GLY A 1 30.88 4.48 -6.47
C GLY A 1 31.37 5.39 -7.55
N HIS A 2 30.45 6.06 -8.24
CA HIS A 2 30.76 7.07 -9.30
C HIS A 2 31.54 6.46 -10.49
N HIS A 3 31.54 5.14 -10.62
CA HIS A 3 32.26 4.49 -11.71
C HIS A 3 31.43 4.50 -12.99
N HIS A 4 31.54 5.61 -13.73
CA HIS A 4 30.77 5.83 -14.97
C HIS A 4 29.27 6.01 -14.65
N HIS A 5 28.47 6.16 -15.67
CA HIS A 5 27.03 6.32 -15.48
C HIS A 5 26.30 5.17 -16.13
N HIS A 6 25.60 4.39 -15.34
CA HIS A 6 24.83 3.25 -15.85
C HIS A 6 23.47 3.16 -15.17
N HIS A 7 23.43 3.45 -13.89
CA HIS A 7 22.20 3.41 -13.11
C HIS A 7 22.23 4.54 -12.12
N LEU A 8 21.05 5.08 -11.80
CA LEU A 8 20.86 6.13 -10.78
C LEU A 8 21.45 7.50 -11.19
N GLU A 9 20.59 8.43 -11.53
CA GLU A 9 21.02 9.80 -11.82
C GLU A 9 20.29 10.73 -10.86
N GLY A 10 19.00 10.90 -11.09
CA GLY A 10 18.19 11.76 -10.27
C GLY A 10 16.77 11.78 -10.74
N GLY A 11 16.05 10.72 -10.42
CA GLY A 11 14.65 10.64 -10.79
C GLY A 11 13.77 11.44 -9.84
N GLY A 12 13.85 11.12 -8.55
CA GLY A 12 13.08 11.86 -7.55
C GLY A 12 11.66 11.34 -7.39
N ASN A 13 11.05 10.96 -8.51
CA ASN A 13 9.67 10.49 -8.60
C ASN A 13 8.68 11.65 -8.49
N ALA A 14 8.27 12.15 -9.63
CA ALA A 14 7.37 13.28 -9.70
C ALA A 14 5.97 12.84 -10.21
N GLN A 15 5.15 13.85 -10.58
CA GLN A 15 3.77 13.67 -11.09
C GLN A 15 3.68 12.63 -12.20
N LYS A 16 2.50 11.98 -12.26
CA LYS A 16 2.22 10.87 -13.19
C LYS A 16 2.90 9.58 -12.74
N SER A 17 4.17 9.70 -12.31
CA SER A 17 4.98 8.57 -11.84
C SER A 17 5.21 7.51 -12.93
N ALA A 18 4.82 7.81 -14.12
CA ALA A 18 5.05 6.93 -15.25
C ALA A 18 6.41 7.23 -15.84
N MET A 19 6.50 8.35 -16.49
CA MET A 19 7.74 8.80 -17.09
C MET A 19 8.65 9.40 -16.00
N ALA A 20 8.06 9.73 -14.86
CA ALA A 20 8.78 10.39 -13.77
C ALA A 20 9.66 9.42 -12.96
N ARG A 21 9.73 8.19 -13.39
CA ARG A 21 10.60 7.21 -12.74
C ARG A 21 11.82 6.92 -13.60
N ALA A 22 11.59 6.71 -14.92
CA ALA A 22 12.68 6.54 -15.92
C ALA A 22 13.64 5.39 -15.58
N LYS A 23 13.15 4.38 -14.83
CA LYS A 23 13.92 3.21 -14.40
C LYS A 23 14.96 3.63 -13.36
N ASN A 24 14.81 4.82 -12.82
CA ASN A 24 15.74 5.32 -11.83
C ASN A 24 15.45 4.67 -10.47
N LEU A 25 14.23 4.17 -10.33
CA LEU A 25 13.76 3.61 -9.08
C LEU A 25 13.01 2.31 -9.34
N GLU A 26 12.55 1.71 -8.26
CA GLU A 26 11.82 0.44 -8.28
C GLU A 26 10.33 0.71 -8.56
N LYS A 27 9.51 -0.33 -8.41
CA LYS A 27 8.08 -0.21 -8.55
C LYS A 27 7.50 0.09 -7.19
N ALA A 28 6.46 0.91 -7.13
CA ALA A 28 5.84 1.26 -5.86
C ALA A 28 4.65 0.36 -5.54
N LYS A 29 4.32 -0.52 -6.46
CA LYS A 29 3.21 -1.43 -6.32
C LYS A 29 3.27 -2.39 -7.50
N ALA A 30 2.79 -3.61 -7.31
CA ALA A 30 2.80 -4.58 -8.40
C ALA A 30 1.66 -5.57 -8.28
N ALA A 31 1.38 -6.01 -7.07
CA ALA A 31 0.33 -6.98 -6.85
C ALA A 31 -0.99 -6.30 -6.52
N GLY A 32 -2.08 -7.01 -6.73
CA GLY A 32 -3.39 -6.50 -6.44
C GLY A 32 -4.24 -7.56 -5.75
N LYS A 33 -5.55 -7.31 -5.67
CA LYS A 33 -6.50 -8.25 -5.04
C LYS A 33 -6.51 -9.57 -5.79
N GLY A 34 -5.97 -10.58 -5.15
CA GLY A 34 -5.89 -11.88 -5.74
C GLY A 34 -4.47 -12.26 -5.92
N SER A 35 -3.95 -12.07 -7.12
CA SER A 35 -2.55 -12.37 -7.47
C SER A 35 -2.21 -13.86 -7.23
N GLN A 36 -0.95 -14.20 -7.32
CA GLN A 36 -0.47 -15.54 -7.05
C GLN A 36 1.02 -15.50 -6.81
N LEU A 37 1.46 -16.19 -5.75
CA LEU A 37 2.89 -16.30 -5.37
C LEU A 37 3.48 -14.95 -4.93
N GLU A 38 2.62 -13.99 -4.66
CA GLU A 38 3.03 -12.67 -4.25
C GLU A 38 2.01 -12.15 -3.25
N ALA A 39 2.47 -11.32 -2.31
CA ALA A 39 1.67 -10.71 -1.25
C ALA A 39 0.85 -11.74 -0.44
N ASN A 40 1.53 -12.49 0.39
CA ASN A 40 0.88 -13.50 1.19
C ASN A 40 0.37 -12.94 2.50
N LYS A 41 -0.93 -12.63 2.53
CA LYS A 41 -1.62 -12.09 3.70
C LYS A 41 -1.47 -13.01 4.89
N LYS A 42 -1.53 -14.32 4.62
CA LYS A 42 -1.32 -15.35 5.62
C LYS A 42 -2.38 -15.34 6.77
N ALA A 43 -2.16 -14.49 7.76
CA ALA A 43 -3.00 -14.44 8.98
C ALA A 43 -4.26 -13.56 8.80
N MET A 44 -4.73 -13.46 7.55
CA MET A 44 -5.95 -12.68 7.17
C MET A 44 -5.76 -11.17 7.28
N SER A 45 -4.55 -10.75 7.65
CA SER A 45 -4.16 -9.36 7.73
C SER A 45 -5.11 -8.44 8.57
N ILE A 46 -6.09 -7.81 7.92
CA ILE A 46 -6.99 -6.88 8.60
C ILE A 46 -8.43 -7.22 8.21
N GLN A 47 -9.31 -7.27 9.18
CA GLN A 47 -10.71 -7.62 8.93
C GLN A 47 -11.57 -6.34 8.91
N CYS A 48 -12.49 -6.29 7.98
CA CYS A 48 -13.41 -5.18 7.84
C CYS A 48 -14.53 -5.25 8.89
N LYS A 49 -14.93 -4.07 9.38
CA LYS A 49 -15.89 -3.86 10.46
C LYS A 49 -17.24 -4.50 10.18
N VAL A 50 -17.66 -4.43 8.93
CA VAL A 50 -18.98 -4.92 8.50
C VAL A 50 -19.32 -6.36 8.96
N CYS A 51 -18.42 -7.28 8.72
CA CYS A 51 -18.69 -8.67 8.97
C CYS A 51 -17.42 -9.45 9.24
N MET A 52 -16.58 -9.61 8.22
CA MET A 52 -15.36 -10.43 8.38
C MET A 52 -14.51 -10.34 7.12
N GLN A 53 -14.49 -9.20 6.48
CA GLN A 53 -13.78 -9.09 5.19
C GLN A 53 -12.34 -8.77 5.45
N THR A 54 -11.53 -8.65 4.44
CA THR A 54 -10.14 -8.43 4.71
C THR A 54 -9.49 -7.39 3.81
N PHE A 55 -8.44 -6.82 4.34
CA PHE A 55 -7.61 -5.89 3.69
C PHE A 55 -6.20 -6.34 3.97
N ILE A 56 -5.28 -6.04 3.09
CA ILE A 56 -3.92 -6.48 3.26
C ILE A 56 -3.23 -5.61 4.33
N CYS A 57 -2.33 -6.19 5.10
CA CYS A 57 -1.65 -5.43 6.11
C CYS A 57 -0.56 -4.54 5.49
N THR A 58 -1.01 -3.51 4.82
CA THR A 58 -0.11 -2.51 4.27
C THR A 58 0.24 -1.45 5.33
N THR A 59 -0.38 -1.59 6.50
CA THR A 59 -0.16 -0.76 7.66
C THR A 59 -0.66 -1.53 8.86
N SER A 60 0.05 -1.46 9.96
CA SER A 60 -0.35 -2.15 11.14
C SER A 60 -1.52 -1.41 11.79
N GLU A 61 -2.48 -2.17 12.28
CA GLU A 61 -3.67 -1.63 12.96
C GLU A 61 -3.30 -0.68 14.09
N VAL A 62 -2.22 -0.98 14.75
CA VAL A 62 -1.70 -0.17 15.81
C VAL A 62 -1.19 1.20 15.32
N LYS A 63 -0.55 1.25 14.15
CA LYS A 63 -0.01 2.53 13.65
C LYS A 63 -1.15 3.43 13.18
N CYS A 64 -2.14 2.81 12.60
CA CYS A 64 -3.32 3.51 12.21
C CYS A 64 -4.18 3.86 13.42
N ARG A 65 -4.07 3.04 14.47
CA ARG A 65 -4.78 3.23 15.71
C ARG A 65 -4.45 4.56 16.35
N GLU A 66 -3.18 4.84 16.55
CA GLU A 66 -2.79 6.08 17.19
C GLU A 66 -3.09 7.28 16.28
N HIS A 67 -3.03 7.06 14.98
CA HIS A 67 -3.38 8.11 14.02
C HIS A 67 -4.88 8.42 14.12
N ALA A 68 -5.68 7.39 14.32
CA ALA A 68 -7.11 7.53 14.47
C ALA A 68 -7.44 8.20 15.78
N GLU A 69 -6.75 7.81 16.85
CA GLU A 69 -6.99 8.39 18.18
C GLU A 69 -6.67 9.87 18.22
N ALA A 70 -5.92 10.32 17.25
CA ALA A 70 -5.58 11.72 17.12
C ALA A 70 -6.69 12.48 16.36
N LYS A 71 -7.65 11.75 15.75
CA LYS A 71 -8.73 12.35 14.95
C LYS A 71 -10.08 11.61 15.13
N HIS A 72 -10.26 10.52 14.34
CA HIS A 72 -11.52 9.70 14.27
C HIS A 72 -12.83 10.54 14.29
N PRO A 73 -12.95 11.61 13.45
CA PRO A 73 -14.12 12.47 13.51
C PRO A 73 -15.34 11.82 12.90
N LYS A 74 -15.14 11.16 11.80
CA LYS A 74 -16.21 10.50 11.12
C LYS A 74 -15.61 9.46 10.21
N ALA A 75 -15.90 8.23 10.44
CA ALA A 75 -15.46 7.23 9.49
C ALA A 75 -16.33 7.33 8.22
N ASP A 76 -17.63 7.33 8.42
CA ASP A 76 -18.65 7.61 7.37
C ASP A 76 -18.58 6.62 6.17
N VAL A 77 -17.72 6.91 5.20
CA VAL A 77 -17.54 6.03 4.03
C VAL A 77 -16.42 5.06 4.29
N VAL A 78 -15.58 5.40 5.25
CA VAL A 78 -14.53 4.52 5.67
C VAL A 78 -14.95 3.87 6.98
N ALA A 79 -16.27 3.92 7.24
CA ALA A 79 -16.88 3.30 8.45
C ALA A 79 -16.72 1.78 8.44
N CYS A 80 -16.32 1.27 7.32
CA CYS A 80 -16.01 -0.12 7.15
C CYS A 80 -14.63 -0.42 7.79
N PHE A 81 -13.88 0.64 8.06
CA PHE A 81 -12.57 0.59 8.70
C PHE A 81 -12.24 1.92 9.43
N PRO A 82 -12.96 2.19 10.57
CA PRO A 82 -12.88 3.49 11.31
C PRO A 82 -11.53 3.81 11.91
N HIS A 83 -10.68 2.83 12.06
CA HIS A 83 -9.37 3.06 12.64
C HIS A 83 -8.40 3.60 11.61
N LEU A 84 -8.88 3.87 10.41
CA LEU A 84 -8.00 4.35 9.36
C LEU A 84 -8.39 5.78 8.94
N LYS A 85 -9.36 6.39 9.65
CA LYS A 85 -9.80 7.73 9.31
C LYS A 85 -8.69 8.77 9.53
N LYS A 86 -8.81 9.79 8.77
CA LYS A 86 -7.95 10.93 8.79
C LYS A 86 -8.84 12.14 8.63
N GLY A 1 7.52 -14.24 -12.14
CA GLY A 1 6.88 -13.58 -11.01
C GLY A 1 6.56 -12.14 -11.33
N HIS A 2 5.37 -11.70 -10.94
CA HIS A 2 4.96 -10.31 -11.09
C HIS A 2 3.85 -10.07 -10.11
N HIS A 3 3.86 -8.94 -9.43
CA HIS A 3 2.82 -8.71 -8.41
C HIS A 3 2.10 -7.37 -8.57
N HIS A 4 2.17 -6.75 -9.76
CA HIS A 4 1.44 -5.49 -9.97
C HIS A 4 0.70 -5.46 -11.32
N HIS A 5 1.43 -5.32 -12.41
CA HIS A 5 0.78 -5.19 -13.71
C HIS A 5 1.53 -5.98 -14.78
N HIS A 6 1.14 -5.77 -16.04
CA HIS A 6 1.76 -6.42 -17.18
C HIS A 6 3.16 -5.88 -17.43
N HIS A 7 3.94 -6.60 -18.24
CA HIS A 7 5.29 -6.16 -18.58
C HIS A 7 5.28 -5.64 -20.01
N LEU A 8 6.32 -4.89 -20.38
CA LEU A 8 6.40 -4.26 -21.70
C LEU A 8 5.18 -3.36 -21.92
N GLU A 9 5.13 -2.29 -21.15
CA GLU A 9 4.01 -1.39 -21.14
C GLU A 9 4.50 0.01 -21.48
N GLY A 10 5.26 0.57 -20.57
CA GLY A 10 5.84 1.87 -20.79
C GLY A 10 7.33 1.80 -20.78
N GLY A 11 7.88 1.69 -19.60
CA GLY A 11 9.31 1.60 -19.48
C GLY A 11 9.91 2.84 -18.91
N GLY A 12 11.13 2.74 -18.48
CA GLY A 12 11.79 3.88 -17.94
C GLY A 12 13.22 3.93 -18.38
N ASN A 13 14.04 3.14 -17.74
CA ASN A 13 15.47 3.15 -17.99
C ASN A 13 16.11 1.82 -17.65
N ALA A 14 17.24 1.54 -18.30
CA ALA A 14 18.04 0.34 -18.11
C ALA A 14 19.30 0.47 -18.96
N GLN A 15 20.46 0.22 -18.32
CA GLN A 15 21.80 0.24 -18.98
C GLN A 15 22.03 1.36 -19.96
N LYS A 16 22.41 2.51 -19.41
CA LYS A 16 22.64 3.74 -20.16
C LYS A 16 21.34 4.37 -20.65
N SER A 17 20.32 3.54 -20.80
CA SER A 17 18.96 3.89 -21.23
C SER A 17 18.88 4.53 -22.60
N ALA A 18 20.03 4.66 -23.23
CA ALA A 18 20.12 5.24 -24.55
C ALA A 18 19.39 4.38 -25.56
N MET A 19 19.48 3.07 -25.35
CA MET A 19 18.80 2.13 -26.25
C MET A 19 18.51 0.81 -25.58
N ALA A 20 19.36 0.43 -24.63
CA ALA A 20 19.25 -0.87 -23.95
C ALA A 20 17.91 -1.07 -23.23
N ARG A 21 17.20 0.03 -22.95
CA ARG A 21 15.92 -0.07 -22.29
C ARG A 21 14.87 -0.80 -23.15
N ALA A 22 14.75 -0.37 -24.44
CA ALA A 22 13.79 -0.99 -25.42
C ALA A 22 12.36 -1.17 -24.83
N LYS A 23 11.99 -0.25 -23.92
CA LYS A 23 10.74 -0.31 -23.14
C LYS A 23 10.76 -1.41 -22.14
N ASN A 24 11.24 -1.10 -20.97
CA ASN A 24 11.28 -2.09 -19.93
C ASN A 24 11.12 -1.40 -18.58
N LEU A 25 10.49 -2.10 -17.65
CA LEU A 25 10.29 -1.61 -16.32
C LEU A 25 10.09 -2.82 -15.46
N GLU A 26 11.00 -3.05 -14.55
CA GLU A 26 10.89 -4.19 -13.65
C GLU A 26 10.54 -3.72 -12.24
N LYS A 27 11.53 -3.24 -11.51
CA LYS A 27 11.30 -2.77 -10.13
C LYS A 27 11.44 -1.26 -10.02
N ALA A 28 11.94 -0.64 -11.09
CA ALA A 28 12.18 0.81 -11.17
C ALA A 28 13.20 1.27 -10.11
N LYS A 29 13.34 2.57 -9.94
CA LYS A 29 14.27 3.13 -8.96
C LYS A 29 13.55 3.42 -7.64
N ALA A 30 12.25 3.66 -7.72
CA ALA A 30 11.46 3.98 -6.54
C ALA A 30 10.25 3.06 -6.43
N ALA A 31 10.25 2.22 -5.41
CA ALA A 31 9.16 1.28 -5.19
C ALA A 31 8.16 1.83 -4.18
N GLY A 32 8.68 2.30 -3.05
CA GLY A 32 7.83 2.84 -2.03
C GLY A 32 8.57 2.90 -0.70
N LYS A 33 7.92 2.46 0.35
CA LYS A 33 8.52 2.49 1.70
C LYS A 33 9.22 1.17 2.01
N GLY A 34 9.12 0.26 1.06
CA GLY A 34 9.72 -1.03 1.20
C GLY A 34 9.30 -1.91 0.06
N SER A 35 9.79 -3.12 0.06
CA SER A 35 9.46 -4.08 -0.99
C SER A 35 7.98 -4.51 -0.90
N GLN A 36 7.64 -5.23 0.18
CA GLN A 36 6.26 -5.71 0.43
C GLN A 36 6.25 -6.54 1.69
N LEU A 37 6.82 -7.72 1.60
CA LEU A 37 6.95 -8.59 2.72
C LEU A 37 8.40 -8.60 3.13
N GLU A 38 8.69 -7.96 4.23
CA GLU A 38 10.05 -7.89 4.73
C GLU A 38 10.02 -7.87 6.26
N ALA A 39 9.47 -6.83 6.80
CA ALA A 39 9.37 -6.69 8.24
C ALA A 39 7.96 -6.27 8.58
N ASN A 40 7.69 -6.10 9.85
CA ASN A 40 6.37 -5.67 10.28
C ASN A 40 6.12 -4.24 9.85
N LYS A 41 4.88 -3.98 9.36
CA LYS A 41 4.42 -2.67 8.85
C LYS A 41 5.01 -2.49 7.45
N LYS A 42 5.16 -1.23 7.02
CA LYS A 42 5.78 -0.87 5.72
C LYS A 42 4.84 -1.05 4.51
N ALA A 43 4.12 -2.17 4.48
CA ALA A 43 3.19 -2.46 3.37
C ALA A 43 2.10 -1.37 3.25
N MET A 44 1.15 -1.36 4.21
CA MET A 44 0.08 -0.35 4.27
C MET A 44 -0.87 -0.60 5.45
N SER A 45 -1.06 -1.87 5.79
CA SER A 45 -1.90 -2.28 6.89
C SER A 45 -3.40 -1.86 6.77
N ILE A 46 -3.72 -0.62 7.10
CA ILE A 46 -5.12 -0.13 7.06
C ILE A 46 -5.13 1.30 6.50
N GLN A 47 -6.17 1.67 5.73
CA GLN A 47 -6.23 3.01 5.12
C GLN A 47 -7.33 3.86 5.81
N CYS A 48 -6.98 5.11 6.07
CA CYS A 48 -7.82 6.07 6.80
C CYS A 48 -8.98 6.60 5.97
N LYS A 49 -10.07 6.83 6.68
CA LYS A 49 -11.34 7.34 6.16
C LYS A 49 -11.18 8.74 5.60
N VAL A 50 -10.31 9.53 6.26
CA VAL A 50 -10.18 10.98 5.98
C VAL A 50 -9.74 11.27 4.53
N CYS A 51 -9.07 10.32 3.93
CA CYS A 51 -8.58 10.49 2.58
C CYS A 51 -8.08 9.15 2.08
N MET A 52 -6.90 8.75 2.56
CA MET A 52 -6.27 7.48 2.20
C MET A 52 -4.96 7.40 2.95
N GLN A 53 -5.04 7.42 4.26
CA GLN A 53 -3.82 7.44 5.10
C GLN A 53 -3.63 6.11 5.73
N THR A 54 -2.69 5.97 6.58
CA THR A 54 -2.36 4.66 7.04
C THR A 54 -2.49 4.47 8.57
N PHE A 55 -2.95 3.29 8.93
CA PHE A 55 -3.08 2.82 10.29
C PHE A 55 -2.44 1.44 10.39
N ILE A 56 -2.33 0.91 11.58
CA ILE A 56 -1.66 -0.35 11.77
C ILE A 56 -2.63 -1.51 11.90
N CYS A 57 -2.30 -2.61 11.25
CA CYS A 57 -3.09 -3.78 11.35
C CYS A 57 -2.62 -4.64 12.50
N THR A 58 -3.01 -4.23 13.69
CA THR A 58 -2.76 -4.99 14.90
C THR A 58 -3.60 -6.33 14.89
N THR A 59 -4.48 -6.43 13.93
CA THR A 59 -5.32 -7.58 13.69
C THR A 59 -5.56 -7.59 12.17
N SER A 60 -6.21 -8.60 11.61
CA SER A 60 -6.36 -8.74 10.17
C SER A 60 -7.43 -7.78 9.59
N GLU A 61 -7.73 -6.70 10.35
CA GLU A 61 -8.74 -5.65 10.06
C GLU A 61 -10.17 -6.22 10.04
N VAL A 62 -10.36 -7.27 9.29
CA VAL A 62 -11.64 -7.91 9.10
C VAL A 62 -12.27 -8.35 10.41
N LYS A 63 -11.48 -8.90 11.31
CA LYS A 63 -11.98 -9.32 12.63
C LYS A 63 -12.56 -8.10 13.39
N CYS A 64 -11.94 -6.97 13.18
CA CYS A 64 -12.36 -5.73 13.78
C CYS A 64 -13.64 -5.26 13.07
N ARG A 65 -13.70 -5.50 11.75
CA ARG A 65 -14.86 -5.14 10.93
C ARG A 65 -16.10 -5.83 11.43
N GLU A 66 -15.96 -7.09 11.77
CA GLU A 66 -17.07 -7.94 12.22
C GLU A 66 -17.70 -7.34 13.47
N HIS A 67 -16.86 -6.94 14.39
CA HIS A 67 -17.33 -6.38 15.65
C HIS A 67 -17.84 -4.94 15.42
N ALA A 68 -17.34 -4.30 14.39
CA ALA A 68 -17.74 -2.94 14.06
C ALA A 68 -19.07 -2.90 13.40
N GLU A 69 -19.33 -3.81 12.45
CA GLU A 69 -20.62 -3.83 11.77
C GLU A 69 -21.70 -4.29 12.75
N ALA A 70 -21.28 -4.92 13.83
CA ALA A 70 -22.15 -5.34 14.91
C ALA A 70 -22.68 -4.12 15.67
N LYS A 71 -21.89 -3.06 15.71
CA LYS A 71 -22.23 -1.88 16.49
C LYS A 71 -22.17 -0.61 15.67
N HIS A 72 -20.95 -0.16 15.42
CA HIS A 72 -20.64 1.11 14.72
C HIS A 72 -21.59 2.28 15.11
N PRO A 73 -21.62 2.66 16.41
CA PRO A 73 -22.50 3.74 16.89
C PRO A 73 -22.22 5.08 16.19
N LYS A 74 -20.96 5.50 16.16
CA LYS A 74 -20.58 6.76 15.46
C LYS A 74 -19.09 6.88 15.16
N ALA A 75 -18.23 6.31 16.05
CA ALA A 75 -16.76 6.40 15.94
C ALA A 75 -16.30 7.84 16.29
N ASP A 76 -15.54 7.97 17.35
CA ASP A 76 -15.15 9.29 17.85
C ASP A 76 -13.70 9.59 17.51
N VAL A 77 -12.77 9.07 18.28
CA VAL A 77 -11.37 9.23 17.98
C VAL A 77 -10.96 8.21 16.93
N VAL A 78 -11.78 7.20 16.78
CA VAL A 78 -11.60 6.20 15.79
C VAL A 78 -12.46 6.52 14.57
N ALA A 79 -13.01 7.75 14.53
CA ALA A 79 -13.86 8.23 13.39
C ALA A 79 -13.08 8.23 12.06
N CYS A 80 -11.79 8.06 12.16
CA CYS A 80 -10.91 8.01 11.03
C CYS A 80 -10.85 6.60 10.43
N PHE A 81 -11.45 5.65 11.14
CA PHE A 81 -11.68 4.34 10.61
C PHE A 81 -12.64 3.61 11.56
N PRO A 82 -13.98 3.83 11.39
CA PRO A 82 -15.06 3.31 12.30
C PRO A 82 -15.16 1.79 12.38
N HIS A 83 -14.23 1.10 11.76
CA HIS A 83 -14.22 -0.34 11.83
C HIS A 83 -13.34 -0.79 12.98
N LEU A 84 -12.81 0.17 13.72
CA LEU A 84 -11.94 -0.12 14.85
C LEU A 84 -12.63 0.25 16.15
N LYS A 85 -13.95 0.55 16.10
CA LYS A 85 -14.70 0.92 17.31
C LYS A 85 -14.53 -0.07 18.45
N LYS A 86 -14.94 -1.34 18.23
CA LYS A 86 -14.73 -2.41 19.22
C LYS A 86 -15.53 -2.12 20.51
N GLY A 1 11.58 -9.26 -37.89
CA GLY A 1 11.99 -9.74 -36.57
C GLY A 1 11.60 -8.80 -35.45
N HIS A 2 12.33 -7.66 -35.33
CA HIS A 2 12.19 -6.71 -34.20
C HIS A 2 12.93 -7.24 -33.00
N HIS A 3 13.85 -6.47 -32.50
CA HIS A 3 14.71 -6.92 -31.43
C HIS A 3 14.67 -5.94 -30.25
N HIS A 4 13.88 -6.26 -29.24
CA HIS A 4 13.79 -5.42 -28.04
C HIS A 4 13.14 -6.18 -26.88
N HIS A 5 13.95 -6.64 -25.94
CA HIS A 5 13.43 -7.29 -24.74
C HIS A 5 13.14 -6.27 -23.66
N HIS A 6 12.51 -6.73 -22.55
CA HIS A 6 12.15 -5.89 -21.38
C HIS A 6 11.05 -4.89 -21.71
N HIS A 7 9.93 -5.05 -21.04
CA HIS A 7 8.76 -4.14 -21.11
C HIS A 7 7.71 -4.65 -20.12
N LEU A 8 8.17 -5.41 -19.16
CA LEU A 8 7.31 -6.08 -18.23
C LEU A 8 8.15 -6.57 -17.08
N GLU A 9 7.47 -7.09 -16.04
CA GLU A 9 8.10 -7.64 -14.85
C GLU A 9 8.81 -6.54 -14.04
N GLY A 10 8.16 -6.06 -13.00
CA GLY A 10 8.74 -5.01 -12.21
C GLY A 10 7.72 -4.23 -11.44
N GLY A 11 7.64 -2.93 -11.74
CA GLY A 11 6.75 -1.99 -11.06
C GLY A 11 5.29 -2.40 -11.00
N GLY A 12 4.81 -3.09 -12.02
CA GLY A 12 3.42 -3.47 -12.05
C GLY A 12 3.08 -4.52 -13.08
N ASN A 13 3.40 -4.20 -14.35
CA ASN A 13 3.07 -5.04 -15.54
C ASN A 13 1.53 -4.98 -15.82
N ALA A 14 1.12 -5.39 -17.00
CA ALA A 14 -0.28 -5.38 -17.35
C ALA A 14 -0.60 -6.49 -18.35
N GLN A 15 -1.37 -7.47 -17.92
CA GLN A 15 -1.68 -8.61 -18.79
C GLN A 15 -2.77 -8.32 -19.80
N LYS A 16 -3.17 -7.08 -19.87
CA LYS A 16 -4.07 -6.66 -20.92
C LYS A 16 -3.30 -6.30 -22.16
N SER A 17 -1.95 -6.31 -22.05
CA SER A 17 -1.00 -6.00 -23.16
C SER A 17 -0.99 -4.49 -23.53
N ALA A 18 -2.14 -3.87 -23.44
CA ALA A 18 -2.34 -2.46 -23.82
C ALA A 18 -1.53 -1.51 -22.93
N MET A 19 -1.31 -1.89 -21.69
CA MET A 19 -0.57 -1.04 -20.75
C MET A 19 0.81 -1.59 -20.47
N ALA A 20 1.28 -2.49 -21.33
CA ALA A 20 2.61 -3.14 -21.15
C ALA A 20 3.75 -2.22 -21.61
N ARG A 21 3.44 -0.95 -21.72
CA ARG A 21 4.41 0.05 -22.08
C ARG A 21 4.21 1.28 -21.20
N ALA A 22 3.33 1.15 -20.22
CA ALA A 22 3.05 2.24 -19.29
C ALA A 22 3.94 2.08 -18.07
N LYS A 23 4.01 0.87 -17.59
CA LYS A 23 4.86 0.53 -16.49
C LYS A 23 5.76 -0.59 -16.88
N ASN A 24 7.04 -0.38 -16.71
CA ASN A 24 8.01 -1.40 -17.07
C ASN A 24 9.21 -1.36 -16.14
N LEU A 25 9.49 -0.19 -15.63
CA LEU A 25 10.59 0.05 -14.70
C LEU A 25 10.41 -0.75 -13.41
N GLU A 26 11.52 -1.05 -12.74
CA GLU A 26 11.50 -1.77 -11.47
C GLU A 26 11.14 -0.87 -10.30
N LYS A 27 12.08 -0.01 -9.96
CA LYS A 27 12.05 0.80 -8.77
C LYS A 27 13.10 1.91 -8.87
N ALA A 28 13.25 2.71 -7.85
CA ALA A 28 14.19 3.84 -7.88
C ALA A 28 14.93 3.98 -6.55
N LYS A 29 15.83 4.94 -6.47
CA LYS A 29 16.61 5.20 -5.27
C LYS A 29 15.81 6.09 -4.33
N ALA A 30 15.30 5.52 -3.28
CA ALA A 30 14.52 6.27 -2.32
C ALA A 30 14.75 5.70 -0.92
N ALA A 31 14.07 6.26 0.06
CA ALA A 31 14.19 5.79 1.42
C ALA A 31 12.97 4.97 1.82
N GLY A 32 11.86 5.64 2.07
CA GLY A 32 10.65 4.98 2.47
C GLY A 32 10.19 5.48 3.81
N LYS A 33 9.86 4.57 4.71
CA LYS A 33 9.45 4.91 6.06
C LYS A 33 9.74 3.76 7.00
N GLY A 34 10.57 4.02 7.97
CA GLY A 34 10.93 3.00 8.92
C GLY A 34 12.26 2.38 8.57
N SER A 35 12.98 1.93 9.57
CA SER A 35 14.27 1.36 9.32
C SER A 35 14.29 -0.12 9.72
N GLN A 36 13.12 -0.65 10.04
CA GLN A 36 13.03 -2.03 10.48
C GLN A 36 11.83 -2.69 9.85
N LEU A 37 12.00 -3.97 9.47
CA LEU A 37 10.94 -4.83 8.91
C LEU A 37 10.41 -4.32 7.57
N GLU A 38 11.10 -3.37 6.98
CA GLU A 38 10.71 -2.84 5.71
C GLU A 38 11.29 -3.71 4.60
N ALA A 39 10.47 -3.94 3.58
CA ALA A 39 10.80 -4.76 2.45
C ALA A 39 9.77 -4.57 1.34
N ASN A 40 8.51 -4.79 1.68
CA ASN A 40 7.41 -4.73 0.70
C ASN A 40 6.05 -4.71 1.40
N LYS A 41 5.11 -3.93 0.85
CA LYS A 41 3.74 -3.85 1.42
C LYS A 41 2.85 -4.96 0.81
N LYS A 42 2.82 -4.99 -0.54
CA LYS A 42 2.00 -5.91 -1.36
C LYS A 42 0.51 -5.51 -1.35
N ALA A 43 -0.04 -5.33 -2.56
CA ALA A 43 -1.49 -5.02 -2.77
C ALA A 43 -1.94 -3.69 -2.14
N MET A 44 -0.96 -2.88 -1.70
CA MET A 44 -1.20 -1.56 -1.06
C MET A 44 -1.75 -1.71 0.36
N SER A 45 -1.74 -2.95 0.88
CA SER A 45 -2.21 -3.29 2.19
C SER A 45 -3.60 -2.74 2.58
N ILE A 46 -3.62 -1.66 3.35
CA ILE A 46 -4.87 -1.04 3.76
C ILE A 46 -4.87 0.43 3.32
N GLN A 47 -5.98 0.91 2.79
CA GLN A 47 -6.08 2.30 2.34
C GLN A 47 -6.85 3.14 3.35
N CYS A 48 -6.42 4.37 3.54
CA CYS A 48 -7.08 5.30 4.43
C CYS A 48 -8.30 5.92 3.76
N LYS A 49 -9.32 6.15 4.55
CA LYS A 49 -10.63 6.63 4.13
C LYS A 49 -10.53 8.00 3.44
N VAL A 50 -9.76 8.89 4.05
CA VAL A 50 -9.66 10.32 3.66
C VAL A 50 -9.49 10.58 2.14
N CYS A 51 -8.73 9.74 1.47
CA CYS A 51 -8.52 9.93 0.05
C CYS A 51 -8.04 8.63 -0.58
N MET A 52 -6.83 8.19 -0.21
CA MET A 52 -6.23 6.95 -0.75
C MET A 52 -4.83 6.75 -0.18
N GLN A 53 -4.75 6.65 1.12
CA GLN A 53 -3.43 6.52 1.76
C GLN A 53 -3.26 5.10 2.15
N THR A 54 -2.26 4.75 2.90
CA THR A 54 -2.09 3.38 3.22
C THR A 54 -1.60 3.17 4.66
N PHE A 55 -1.87 1.98 5.14
CA PHE A 55 -1.46 1.48 6.42
C PHE A 55 -1.08 0.05 6.20
N ILE A 56 -0.02 -0.40 6.85
CA ILE A 56 0.47 -1.76 6.69
C ILE A 56 -0.55 -2.79 7.18
N CYS A 57 -0.66 -3.89 6.45
CA CYS A 57 -1.56 -4.94 6.83
C CYS A 57 -1.03 -5.77 8.00
N THR A 58 -1.06 -5.17 9.17
CA THR A 58 -0.77 -5.88 10.40
C THR A 58 -2.02 -6.63 10.88
N THR A 59 -3.09 -6.42 10.17
CA THR A 59 -4.34 -7.08 10.43
C THR A 59 -4.98 -7.36 9.04
N SER A 60 -5.92 -8.26 8.96
CA SER A 60 -6.49 -8.67 7.71
C SER A 60 -7.67 -7.78 7.28
N GLU A 61 -7.80 -6.56 7.90
CA GLU A 61 -8.90 -5.61 7.55
C GLU A 61 -10.29 -6.14 7.97
N VAL A 62 -10.72 -7.24 7.35
CA VAL A 62 -12.04 -7.80 7.58
C VAL A 62 -12.20 -8.26 9.03
N LYS A 63 -11.07 -8.59 9.64
CA LYS A 63 -11.04 -9.01 11.06
C LYS A 63 -11.54 -7.85 11.91
N CYS A 64 -11.10 -6.67 11.56
CA CYS A 64 -11.55 -5.49 12.24
C CYS A 64 -12.93 -5.15 11.75
N ARG A 65 -13.24 -5.50 10.48
CA ARG A 65 -14.54 -5.23 9.92
C ARG A 65 -15.67 -5.84 10.72
N GLU A 66 -15.52 -7.12 11.07
CA GLU A 66 -16.57 -7.78 11.83
C GLU A 66 -16.72 -7.16 13.20
N HIS A 67 -15.60 -6.84 13.81
CA HIS A 67 -15.61 -6.32 15.14
C HIS A 67 -16.07 -4.83 15.15
N ALA A 68 -15.84 -4.13 14.06
CA ALA A 68 -16.24 -2.76 13.96
C ALA A 68 -17.70 -2.67 13.69
N GLU A 69 -18.19 -3.42 12.71
CA GLU A 69 -19.61 -3.39 12.36
C GLU A 69 -20.46 -4.00 13.47
N ALA A 70 -19.77 -4.59 14.44
CA ALA A 70 -20.37 -5.10 15.64
C ALA A 70 -20.78 -3.93 16.54
N LYS A 71 -20.02 -2.85 16.46
CA LYS A 71 -20.23 -1.68 17.31
C LYS A 71 -20.24 -0.41 16.46
N HIS A 72 -19.02 0.05 16.10
CA HIS A 72 -18.77 1.22 15.21
C HIS A 72 -19.65 2.46 15.65
N PRO A 73 -19.68 2.84 16.98
CA PRO A 73 -20.56 3.92 17.47
C PRO A 73 -20.33 5.22 16.71
N LYS A 74 -19.08 5.62 16.65
CA LYS A 74 -18.69 6.81 15.95
C LYS A 74 -17.19 6.79 15.71
N ALA A 75 -16.79 6.56 14.47
CA ALA A 75 -15.37 6.67 14.13
C ALA A 75 -14.91 8.12 14.31
N ASP A 76 -14.06 8.32 15.30
CA ASP A 76 -13.65 9.65 15.78
C ASP A 76 -12.20 9.96 15.36
N VAL A 77 -11.24 9.55 16.18
CA VAL A 77 -9.81 9.68 15.83
C VAL A 77 -9.41 8.52 14.94
N VAL A 78 -10.38 7.68 14.72
CA VAL A 78 -10.27 6.55 13.86
C VAL A 78 -11.12 6.81 12.62
N ALA A 79 -11.60 8.05 12.46
CA ALA A 79 -12.44 8.41 11.30
C ALA A 79 -11.70 8.22 9.97
N CYS A 80 -10.39 8.20 10.04
CA CYS A 80 -9.53 7.97 8.90
C CYS A 80 -9.51 6.47 8.53
N PHE A 81 -9.96 5.65 9.45
CA PHE A 81 -10.03 4.20 9.32
C PHE A 81 -11.16 3.61 10.21
N PRO A 82 -12.44 3.84 9.80
CA PRO A 82 -13.64 3.49 10.61
C PRO A 82 -13.88 2.01 10.86
N HIS A 83 -13.04 1.17 10.35
CA HIS A 83 -13.20 -0.25 10.63
C HIS A 83 -12.39 -0.63 11.84
N LEU A 84 -11.69 0.33 12.41
CA LEU A 84 -10.81 0.05 13.51
C LEU A 84 -11.27 0.76 14.79
N LYS A 85 -12.56 1.22 14.84
CA LYS A 85 -13.08 1.89 16.07
C LYS A 85 -12.88 1.05 17.33
N LYS A 86 -13.29 -0.19 17.29
CA LYS A 86 -13.14 -1.08 18.38
C LYS A 86 -13.09 -2.44 17.82
N GLY A 1 26.26 -15.66 4.64
CA GLY A 1 25.94 -14.49 3.82
C GLY A 1 25.61 -14.87 2.39
N HIS A 2 24.33 -15.02 2.10
CA HIS A 2 23.87 -15.31 0.74
C HIS A 2 22.96 -14.21 0.22
N HIS A 3 22.45 -13.40 1.12
CA HIS A 3 21.60 -12.27 0.76
C HIS A 3 22.10 -11.04 1.50
N HIS A 4 22.35 -9.98 0.77
CA HIS A 4 22.86 -8.75 1.37
C HIS A 4 21.75 -7.74 1.61
N HIS A 5 21.02 -7.42 0.56
CA HIS A 5 19.91 -6.46 0.67
C HIS A 5 19.01 -6.61 -0.52
N HIS A 6 17.93 -5.87 -0.53
CA HIS A 6 16.98 -5.91 -1.61
C HIS A 6 16.80 -4.47 -2.13
N HIS A 7 15.68 -4.22 -2.74
CA HIS A 7 15.30 -2.90 -3.22
C HIS A 7 13.83 -2.75 -2.94
N LEU A 8 13.32 -1.53 -3.09
CA LEU A 8 11.96 -1.18 -2.71
C LEU A 8 11.85 -1.06 -1.20
N GLU A 9 12.14 0.14 -0.70
CA GLU A 9 12.07 0.43 0.74
C GLU A 9 10.61 0.77 1.11
N GLY A 10 9.74 0.69 0.14
CA GLY A 10 8.36 1.05 0.31
C GLY A 10 7.90 1.86 -0.87
N GLY A 11 8.81 2.68 -1.37
CA GLY A 11 8.51 3.47 -2.53
C GLY A 11 8.58 4.94 -2.26
N GLY A 12 8.53 5.73 -3.30
CA GLY A 12 8.51 7.16 -3.14
C GLY A 12 9.76 7.82 -3.65
N ASN A 13 10.75 7.96 -2.77
CA ASN A 13 11.97 8.69 -3.11
C ASN A 13 13.13 8.20 -2.27
N ALA A 14 14.35 8.38 -2.79
CA ALA A 14 15.59 7.98 -2.10
C ALA A 14 16.78 8.67 -2.78
N GLN A 15 17.91 8.73 -2.07
CA GLN A 15 19.09 9.42 -2.57
C GLN A 15 20.07 8.48 -3.28
N LYS A 16 20.30 8.77 -4.56
CA LYS A 16 21.28 8.14 -5.45
C LYS A 16 20.99 8.58 -6.86
N SER A 17 19.77 8.32 -7.29
CA SER A 17 19.30 8.70 -8.61
C SER A 17 18.52 9.97 -8.52
N ALA A 18 18.63 10.64 -7.39
CA ALA A 18 17.91 11.89 -7.13
C ALA A 18 16.42 11.71 -7.35
N MET A 19 15.91 10.60 -6.80
CA MET A 19 14.51 10.23 -6.90
C MET A 19 14.13 9.76 -8.33
N ALA A 20 15.10 9.71 -9.27
CA ALA A 20 14.76 9.30 -10.63
C ALA A 20 14.39 7.82 -10.68
N ARG A 21 15.09 7.02 -9.87
CA ARG A 21 14.86 5.56 -9.86
C ARG A 21 15.60 4.89 -8.71
N ALA A 22 15.82 5.63 -7.64
CA ALA A 22 16.61 5.12 -6.54
C ALA A 22 15.82 4.17 -5.66
N LYS A 23 16.01 2.86 -5.93
CA LYS A 23 15.38 1.76 -5.15
C LYS A 23 13.88 1.65 -5.29
N ASN A 24 13.27 2.54 -5.98
CA ASN A 24 11.83 2.55 -6.00
C ASN A 24 11.27 1.50 -6.95
N LEU A 25 10.49 0.61 -6.37
CA LEU A 25 9.77 -0.46 -7.08
C LEU A 25 10.72 -1.48 -7.77
N GLU A 26 10.15 -2.32 -8.63
CA GLU A 26 10.91 -3.29 -9.40
C GLU A 26 10.50 -3.24 -10.88
N LYS A 27 9.21 -3.30 -11.15
CA LYS A 27 8.69 -3.19 -12.49
C LYS A 27 8.20 -1.78 -12.77
N ALA A 28 8.37 -1.33 -13.99
CA ALA A 28 7.95 0.00 -14.42
C ALA A 28 6.71 -0.09 -15.31
N LYS A 29 6.23 -1.29 -15.49
CA LYS A 29 5.05 -1.53 -16.28
C LYS A 29 3.79 -1.29 -15.46
N ALA A 30 2.69 -1.11 -16.14
CA ALA A 30 1.44 -0.85 -15.47
C ALA A 30 0.86 -2.13 -14.91
N ALA A 31 0.82 -2.23 -13.61
CA ALA A 31 0.22 -3.35 -12.93
C ALA A 31 -1.16 -2.94 -12.46
N GLY A 32 -2.12 -3.86 -12.56
CA GLY A 32 -3.49 -3.55 -12.14
C GLY A 32 -3.68 -3.72 -10.66
N LYS A 33 -2.76 -3.14 -9.86
CA LYS A 33 -2.76 -3.19 -8.40
C LYS A 33 -2.35 -4.59 -7.85
N GLY A 34 -2.37 -5.59 -8.72
CA GLY A 34 -2.00 -6.93 -8.37
C GLY A 34 -2.52 -7.91 -9.41
N SER A 35 -1.67 -8.28 -10.36
CA SER A 35 -2.09 -9.16 -11.46
C SER A 35 -1.93 -10.66 -11.12
N GLN A 36 -0.84 -11.01 -10.45
CA GLN A 36 -0.61 -12.40 -10.05
C GLN A 36 0.40 -12.43 -8.91
N LEU A 37 1.68 -12.43 -9.24
CA LEU A 37 2.72 -12.35 -8.23
C LEU A 37 3.24 -10.92 -8.23
N GLU A 38 2.86 -10.20 -9.25
CA GLU A 38 3.21 -8.81 -9.43
C GLU A 38 2.23 -7.95 -8.64
N ALA A 39 2.69 -7.46 -7.50
CA ALA A 39 1.91 -6.61 -6.63
C ALA A 39 2.87 -5.94 -5.64
N ASN A 40 2.53 -4.75 -5.20
CA ASN A 40 3.35 -4.03 -4.20
C ASN A 40 2.68 -4.17 -2.83
N LYS A 41 1.51 -4.75 -2.84
CA LYS A 41 0.75 -4.90 -1.66
C LYS A 41 0.54 -6.36 -1.36
N LYS A 42 1.48 -6.89 -0.64
CA LYS A 42 1.48 -8.29 -0.27
C LYS A 42 0.52 -8.55 0.86
N ALA A 43 0.01 -9.78 0.91
CA ALA A 43 -0.90 -10.27 1.97
C ALA A 43 -2.25 -9.54 1.97
N MET A 44 -2.54 -8.81 0.87
CA MET A 44 -3.81 -8.07 0.68
C MET A 44 -3.92 -6.88 1.63
N SER A 45 -2.80 -6.55 2.26
CA SER A 45 -2.64 -5.41 3.13
C SER A 45 -3.77 -5.21 4.20
N ILE A 46 -4.70 -4.33 3.91
CA ILE A 46 -5.81 -4.02 4.79
C ILE A 46 -7.11 -4.35 4.07
N GLN A 47 -8.14 -4.73 4.80
CA GLN A 47 -9.40 -5.11 4.19
C GLN A 47 -10.51 -4.16 4.68
N CYS A 48 -11.40 -3.79 3.80
CA CYS A 48 -12.48 -2.85 4.09
C CYS A 48 -13.64 -3.52 4.87
N LYS A 49 -14.28 -2.72 5.74
CA LYS A 49 -15.38 -3.14 6.62
C LYS A 49 -16.60 -3.56 5.81
N VAL A 50 -16.94 -2.73 4.83
CA VAL A 50 -18.17 -2.88 4.03
C VAL A 50 -18.35 -4.29 3.43
N CYS A 51 -17.28 -4.94 3.11
CA CYS A 51 -17.36 -6.24 2.51
C CYS A 51 -16.06 -6.98 2.70
N MET A 52 -15.03 -6.59 1.95
CA MET A 52 -13.72 -7.31 2.00
C MET A 52 -12.77 -6.69 0.99
N GLN A 53 -12.78 -5.39 0.88
CA GLN A 53 -11.99 -4.74 -0.16
C GLN A 53 -10.64 -4.46 0.42
N THR A 54 -9.78 -3.82 -0.29
CA THR A 54 -8.46 -3.66 0.26
C THR A 54 -7.92 -2.24 0.15
N PHE A 55 -7.05 -1.92 1.09
CA PHE A 55 -6.38 -0.65 1.17
C PHE A 55 -4.94 -0.95 1.45
N ILE A 56 -4.08 -0.04 1.12
CA ILE A 56 -2.64 -0.23 1.27
C ILE A 56 -2.21 -0.21 2.74
N CYS A 57 -1.33 -1.11 3.09
CA CYS A 57 -0.84 -1.17 4.42
C CYS A 57 0.34 -0.24 4.62
N THR A 58 0.03 1.05 4.68
CA THR A 58 1.04 2.05 5.01
C THR A 58 1.44 1.93 6.50
N THR A 59 0.61 1.23 7.24
CA THR A 59 0.83 0.94 8.63
C THR A 59 0.05 -0.33 8.93
N SER A 60 0.47 -1.09 9.90
CA SER A 60 -0.22 -2.28 10.23
C SER A 60 -1.44 -1.86 11.01
N GLU A 61 -2.60 -2.50 10.73
CA GLU A 61 -3.83 -2.13 11.43
C GLU A 61 -3.63 -2.16 12.92
N VAL A 62 -2.88 -3.14 13.39
CA VAL A 62 -2.61 -3.29 14.81
C VAL A 62 -2.06 -2.05 15.49
N LYS A 63 -1.14 -1.34 14.84
CA LYS A 63 -0.57 -0.14 15.45
C LYS A 63 -1.62 0.98 15.42
N CYS A 64 -2.44 0.96 14.40
CA CYS A 64 -3.52 1.92 14.25
C CYS A 64 -4.61 1.58 15.26
N ARG A 65 -4.72 0.29 15.53
CA ARG A 65 -5.63 -0.30 16.46
C ARG A 65 -5.32 0.15 17.86
N GLU A 66 -4.04 0.17 18.22
CA GLU A 66 -3.62 0.62 19.56
C GLU A 66 -4.17 2.01 19.80
N HIS A 67 -3.97 2.84 18.82
CA HIS A 67 -4.38 4.22 18.84
C HIS A 67 -5.92 4.34 18.62
N ALA A 68 -6.54 3.28 18.13
CA ALA A 68 -7.96 3.28 17.83
C ALA A 68 -8.78 2.85 19.01
N GLU A 69 -8.33 1.85 19.73
CA GLU A 69 -9.05 1.40 20.90
C GLU A 69 -8.94 2.50 21.95
N ALA A 70 -7.88 3.31 21.83
CA ALA A 70 -7.65 4.44 22.70
C ALA A 70 -8.57 5.62 22.34
N LYS A 71 -8.92 5.75 21.03
CA LYS A 71 -9.74 6.86 20.57
C LYS A 71 -10.82 6.34 19.61
N HIS A 72 -10.70 6.69 18.28
CA HIS A 72 -11.61 6.27 17.17
C HIS A 72 -13.08 6.00 17.58
N PRO A 73 -13.74 6.94 18.28
CA PRO A 73 -15.09 6.74 18.79
C PRO A 73 -16.19 6.93 17.74
N LYS A 74 -15.81 7.33 16.54
CA LYS A 74 -16.75 7.60 15.49
C LYS A 74 -16.11 7.58 14.12
N ALA A 75 -16.38 6.60 13.32
CA ALA A 75 -15.89 6.59 11.96
C ALA A 75 -17.00 7.12 11.03
N ASP A 76 -16.69 8.18 10.31
CA ASP A 76 -17.68 8.90 9.49
C ASP A 76 -17.58 8.48 8.03
N VAL A 77 -16.77 9.18 7.25
CA VAL A 77 -16.53 8.83 5.84
C VAL A 77 -15.50 7.73 5.78
N VAL A 78 -14.87 7.54 6.90
CA VAL A 78 -13.88 6.52 7.09
C VAL A 78 -14.53 5.34 7.78
N ALA A 79 -15.88 5.32 7.81
CA ALA A 79 -16.66 4.22 8.42
C ALA A 79 -16.42 2.89 7.70
N CYS A 80 -15.85 2.98 6.51
CA CYS A 80 -15.46 1.85 5.72
C CYS A 80 -14.18 1.22 6.28
N PHE A 81 -13.49 1.96 7.12
CA PHE A 81 -12.27 1.55 7.78
C PHE A 81 -12.06 2.29 9.13
N PRO A 82 -12.89 1.95 10.16
CA PRO A 82 -12.91 2.65 11.48
C PRO A 82 -11.57 2.67 12.21
N HIS A 83 -10.72 1.72 11.89
CA HIS A 83 -9.45 1.64 12.58
C HIS A 83 -8.49 2.73 12.12
N LEU A 84 -8.90 3.59 11.17
CA LEU A 84 -8.01 4.63 10.65
C LEU A 84 -8.62 6.04 10.84
N LYS A 85 -9.67 6.14 11.68
CA LYS A 85 -10.39 7.43 11.91
C LYS A 85 -9.45 8.61 12.33
N LYS A 86 -9.15 8.68 13.61
CA LYS A 86 -8.26 9.71 14.16
C LYS A 86 -6.84 9.24 14.20
N GLY A 1 24.89 5.26 -29.91
CA GLY A 1 24.10 4.14 -29.39
C GLY A 1 24.87 2.84 -29.46
N HIS A 2 24.99 2.28 -30.67
CA HIS A 2 25.72 1.03 -30.94
C HIS A 2 25.08 -0.18 -30.26
N HIS A 3 23.86 -0.02 -29.77
CA HIS A 3 23.11 -1.08 -29.09
C HIS A 3 21.64 -0.89 -29.37
N HIS A 4 20.84 -1.93 -29.16
CA HIS A 4 19.38 -1.86 -29.35
C HIS A 4 18.75 -0.96 -28.27
N HIS A 5 17.68 -0.28 -28.63
CA HIS A 5 17.02 0.65 -27.72
C HIS A 5 15.53 0.41 -27.68
N HIS A 6 14.96 0.47 -26.50
CA HIS A 6 13.53 0.31 -26.29
C HIS A 6 13.16 1.01 -24.98
N HIS A 7 12.05 1.70 -24.97
CA HIS A 7 11.61 2.41 -23.77
C HIS A 7 10.13 2.13 -23.52
N LEU A 8 9.81 1.73 -22.27
CA LEU A 8 8.43 1.43 -21.83
C LEU A 8 7.81 0.24 -22.63
N GLU A 9 6.50 -0.03 -22.36
CA GLU A 9 5.71 -1.11 -23.04
C GLU A 9 6.29 -2.52 -22.70
N GLY A 10 7.11 -2.55 -21.66
CA GLY A 10 7.72 -3.75 -21.21
C GLY A 10 8.63 -3.43 -20.06
N GLY A 11 9.46 -4.37 -19.69
CA GLY A 11 10.38 -4.13 -18.61
C GLY A 11 11.75 -3.78 -19.13
N GLY A 12 12.00 -2.50 -19.31
CA GLY A 12 13.28 -2.06 -19.83
C GLY A 12 14.23 -1.66 -18.71
N ASN A 13 14.58 -2.61 -17.88
CA ASN A 13 15.46 -2.35 -16.76
C ASN A 13 16.93 -2.39 -17.18
N ALA A 14 17.56 -1.25 -17.10
CA ALA A 14 18.95 -1.12 -17.41
C ALA A 14 19.79 -1.40 -16.16
N GLN A 15 21.11 -1.31 -16.32
CA GLN A 15 22.01 -1.55 -15.21
C GLN A 15 22.00 -0.43 -14.21
N LYS A 16 22.61 -0.69 -13.07
CA LYS A 16 22.63 0.17 -11.88
C LYS A 16 21.30 0.01 -11.13
N SER A 17 20.23 -0.26 -11.92
CA SER A 17 18.86 -0.56 -11.47
C SER A 17 18.14 0.68 -10.88
N ALA A 18 18.87 1.49 -10.15
CA ALA A 18 18.32 2.68 -9.49
C ALA A 18 17.62 3.63 -10.45
N MET A 19 18.29 3.99 -11.52
CA MET A 19 17.73 4.91 -12.50
C MET A 19 16.87 4.17 -13.52
N ALA A 20 16.79 2.85 -13.40
CA ALA A 20 16.00 2.04 -14.31
C ALA A 20 14.60 1.89 -13.77
N ARG A 21 14.50 1.93 -12.45
CA ARG A 21 13.25 1.76 -11.75
C ARG A 21 12.64 3.12 -11.43
N ALA A 22 13.22 4.16 -12.00
CA ALA A 22 12.75 5.52 -11.80
C ALA A 22 11.42 5.74 -12.51
N LYS A 23 11.26 5.12 -13.68
CA LYS A 23 10.03 5.22 -14.44
C LYS A 23 9.65 3.82 -14.97
N ASN A 24 10.14 3.49 -16.19
CA ASN A 24 9.98 2.17 -16.86
C ASN A 24 8.51 1.74 -17.07
N LEU A 25 7.82 1.39 -16.01
CA LEU A 25 6.48 0.87 -16.10
C LEU A 25 5.52 1.74 -15.31
N GLU A 26 4.61 2.34 -16.02
CA GLU A 26 3.64 3.29 -15.44
C GLU A 26 2.40 2.60 -14.84
N LYS A 27 2.04 1.43 -15.34
CA LYS A 27 0.80 0.77 -14.89
C LYS A 27 0.96 -0.01 -13.58
N ALA A 28 2.01 0.27 -12.87
CA ALA A 28 2.30 -0.37 -11.60
C ALA A 28 2.11 0.62 -10.44
N LYS A 29 2.49 0.20 -9.24
CA LYS A 29 2.40 1.02 -8.04
C LYS A 29 3.75 1.03 -7.33
N ALA A 30 4.02 2.11 -6.62
CA ALA A 30 5.26 2.26 -5.89
C ALA A 30 4.98 2.28 -4.38
N ALA A 31 5.98 2.60 -3.58
CA ALA A 31 5.81 2.61 -2.14
C ALA A 31 5.40 4.01 -1.66
N GLY A 32 5.29 4.18 -0.35
CA GLY A 32 4.91 5.44 0.19
C GLY A 32 5.60 5.71 1.51
N LYS A 33 5.37 4.84 2.48
CA LYS A 33 5.99 4.97 3.77
C LYS A 33 7.30 4.19 3.80
N GLY A 34 8.31 4.77 4.42
CA GLY A 34 9.61 4.16 4.50
C GLY A 34 9.63 2.95 5.41
N SER A 35 10.30 1.92 4.97
CA SER A 35 10.39 0.69 5.68
C SER A 35 11.59 0.68 6.64
N GLN A 36 11.64 -0.32 7.51
CA GLN A 36 12.74 -0.49 8.47
C GLN A 36 13.33 -1.89 8.32
N LEU A 37 12.55 -2.90 8.67
CA LEU A 37 12.98 -4.28 8.52
C LEU A 37 12.27 -4.89 7.31
N GLU A 38 10.99 -4.48 7.13
CA GLU A 38 10.09 -4.90 6.03
C GLU A 38 9.97 -6.43 5.88
N ALA A 39 9.36 -6.87 4.76
CA ALA A 39 9.14 -8.30 4.44
C ALA A 39 8.06 -8.98 5.30
N ASN A 40 7.72 -8.36 6.43
CA ASN A 40 6.73 -8.90 7.39
C ASN A 40 5.28 -8.79 6.91
N LYS A 41 5.06 -8.62 5.63
CA LYS A 41 3.70 -8.55 5.15
C LYS A 41 3.55 -9.47 3.95
N LYS A 42 4.08 -9.03 2.79
CA LYS A 42 4.12 -9.79 1.53
C LYS A 42 2.71 -10.10 0.90
N ALA A 43 1.71 -10.31 1.74
CA ALA A 43 0.37 -10.70 1.30
C ALA A 43 -0.55 -9.51 1.02
N MET A 44 -0.15 -8.33 1.50
CA MET A 44 -1.00 -7.12 1.43
C MET A 44 -2.30 -7.32 2.19
N SER A 45 -2.26 -6.97 3.47
CA SER A 45 -3.37 -7.11 4.36
C SER A 45 -4.63 -6.31 3.93
N ILE A 46 -4.64 -5.02 4.25
CA ILE A 46 -5.83 -4.18 4.05
C ILE A 46 -5.45 -2.91 3.30
N GLN A 47 -6.43 -2.27 2.67
CA GLN A 47 -6.25 -1.02 1.93
C GLN A 47 -6.91 0.14 2.71
N CYS A 48 -6.19 1.23 2.81
CA CYS A 48 -6.65 2.42 3.49
C CYS A 48 -7.65 3.19 2.66
N LYS A 49 -8.63 3.79 3.35
CA LYS A 49 -9.75 4.50 2.77
C LYS A 49 -9.30 5.67 1.90
N VAL A 50 -8.37 6.45 2.45
CA VAL A 50 -7.93 7.73 1.89
C VAL A 50 -7.56 7.67 0.40
N CYS A 51 -7.04 6.56 -0.03
CA CYS A 51 -6.63 6.44 -1.38
C CYS A 51 -6.53 4.99 -1.80
N MET A 52 -5.53 4.29 -1.26
CA MET A 52 -5.24 2.90 -1.67
C MET A 52 -4.05 2.34 -0.90
N GLN A 53 -3.83 2.83 0.29
CA GLN A 53 -2.61 2.47 1.00
C GLN A 53 -2.84 1.15 1.69
N THR A 54 -1.88 0.64 2.36
CA THR A 54 -2.08 -0.65 2.93
C THR A 54 -1.60 -0.73 4.37
N PHE A 55 -2.32 -1.49 5.13
CA PHE A 55 -1.99 -1.75 6.49
C PHE A 55 -1.49 -3.18 6.58
N ILE A 56 -1.01 -3.56 7.74
CA ILE A 56 -0.46 -4.87 7.92
C ILE A 56 -1.49 -5.70 8.68
N CYS A 57 -1.53 -6.99 8.44
CA CYS A 57 -2.43 -7.85 9.17
C CYS A 57 -1.94 -8.03 10.61
N THR A 58 -2.18 -7.02 11.40
CA THR A 58 -1.89 -7.07 12.80
C THR A 58 -3.17 -7.44 13.55
N THR A 59 -4.27 -7.42 12.83
CA THR A 59 -5.57 -7.73 13.38
C THR A 59 -6.48 -8.02 12.20
N SER A 60 -7.46 -8.86 12.40
CA SER A 60 -8.39 -9.19 11.40
C SER A 60 -9.51 -8.16 11.54
N GLU A 61 -9.93 -7.54 10.44
CA GLU A 61 -10.98 -6.50 10.49
C GLU A 61 -12.22 -6.95 11.20
N VAL A 62 -12.51 -8.22 11.16
CA VAL A 62 -13.68 -8.76 11.81
C VAL A 62 -13.66 -8.49 13.33
N LYS A 63 -12.48 -8.55 13.94
CA LYS A 63 -12.35 -8.33 15.37
C LYS A 63 -12.59 -6.83 15.64
N CYS A 64 -12.22 -6.03 14.67
CA CYS A 64 -12.42 -4.62 14.71
C CYS A 64 -13.87 -4.26 14.34
N ARG A 65 -14.52 -5.14 13.56
CA ARG A 65 -15.89 -4.90 13.14
C ARG A 65 -16.85 -4.89 14.30
N GLU A 66 -16.76 -5.92 15.15
CA GLU A 66 -17.62 -5.96 16.32
C GLU A 66 -17.29 -4.79 17.23
N HIS A 67 -15.99 -4.49 17.35
CA HIS A 67 -15.53 -3.39 18.18
C HIS A 67 -16.08 -2.03 17.66
N ALA A 68 -16.28 -1.94 16.36
CA ALA A 68 -16.78 -0.74 15.73
C ALA A 68 -18.26 -0.61 15.93
N GLU A 69 -19.01 -1.65 15.63
CA GLU A 69 -20.46 -1.59 15.77
C GLU A 69 -20.89 -1.51 17.23
N ALA A 70 -19.98 -1.88 18.10
CA ALA A 70 -20.19 -1.81 19.53
C ALA A 70 -20.06 -0.37 20.04
N LYS A 71 -19.46 0.49 19.24
CA LYS A 71 -19.20 1.88 19.66
C LYS A 71 -19.49 2.86 18.55
N HIS A 72 -18.60 2.88 17.56
CA HIS A 72 -18.67 3.79 16.40
C HIS A 72 -19.03 5.25 16.73
N PRO A 73 -18.18 5.94 17.51
CA PRO A 73 -18.45 7.32 17.85
C PRO A 73 -18.07 8.31 16.74
N LYS A 74 -16.80 8.36 16.37
CA LYS A 74 -16.35 9.36 15.44
C LYS A 74 -15.06 8.97 14.71
N ALA A 75 -15.21 8.64 13.46
CA ALA A 75 -14.05 8.31 12.62
C ALA A 75 -13.45 9.58 12.04
N ASP A 76 -12.50 10.16 12.77
CA ASP A 76 -11.84 11.42 12.35
C ASP A 76 -10.38 11.22 12.04
N VAL A 77 -9.57 11.01 13.06
CA VAL A 77 -8.16 10.72 12.84
C VAL A 77 -8.01 9.26 12.42
N VAL A 78 -9.09 8.52 12.63
CA VAL A 78 -9.19 7.15 12.20
C VAL A 78 -10.10 7.07 10.98
N ALA A 79 -10.43 8.25 10.40
CA ALA A 79 -11.29 8.31 9.20
C ALA A 79 -10.68 7.60 8.01
N CYS A 80 -9.40 7.35 8.08
CA CYS A 80 -8.69 6.66 7.05
C CYS A 80 -8.94 5.16 7.13
N PHE A 81 -9.51 4.72 8.23
CA PHE A 81 -9.91 3.34 8.37
C PHE A 81 -11.12 3.33 9.35
N PRO A 82 -12.32 3.74 8.87
CA PRO A 82 -13.54 3.92 9.72
C PRO A 82 -14.10 2.62 10.29
N HIS A 83 -13.39 1.54 10.14
CA HIS A 83 -13.80 0.28 10.73
C HIS A 83 -13.18 0.16 12.12
N LEU A 84 -12.34 1.14 12.48
CA LEU A 84 -11.58 1.09 13.74
C LEU A 84 -11.92 2.30 14.61
N LYS A 85 -13.08 2.93 14.35
CA LYS A 85 -13.51 4.17 14.98
C LYS A 85 -13.16 4.37 16.49
N LYS A 86 -13.44 3.38 17.33
CA LYS A 86 -13.16 3.54 18.77
C LYS A 86 -11.77 3.05 19.16
N GLY A 1 2.46 -12.20 -20.53
CA GLY A 1 3.65 -11.73 -21.20
C GLY A 1 4.31 -12.85 -21.92
N HIS A 2 4.93 -12.58 -23.03
CA HIS A 2 5.59 -13.60 -23.81
C HIS A 2 6.91 -13.04 -24.37
N HIS A 3 8.00 -13.78 -24.13
CA HIS A 3 9.36 -13.41 -24.57
C HIS A 3 9.94 -12.24 -23.79
N HIS A 4 11.16 -12.42 -23.32
CA HIS A 4 11.88 -11.37 -22.59
C HIS A 4 12.12 -10.19 -23.54
N HIS A 5 11.64 -9.01 -23.19
CA HIS A 5 11.78 -7.85 -24.08
C HIS A 5 11.73 -6.55 -23.29
N HIS A 6 12.23 -5.47 -23.90
CA HIS A 6 12.34 -4.12 -23.29
C HIS A 6 13.47 -4.06 -22.24
N HIS A 7 13.66 -2.88 -21.66
CA HIS A 7 14.70 -2.63 -20.68
C HIS A 7 14.33 -1.32 -19.96
N LEU A 8 14.62 -1.23 -18.65
CA LEU A 8 14.31 -0.03 -17.85
C LEU A 8 14.91 1.23 -18.48
N GLU A 9 16.21 1.31 -18.43
CA GLU A 9 16.93 2.46 -18.92
C GLU A 9 17.22 2.26 -20.40
N GLY A 10 16.60 3.06 -21.23
CA GLY A 10 16.80 2.93 -22.67
C GLY A 10 15.52 2.51 -23.36
N GLY A 11 14.68 1.78 -22.65
CA GLY A 11 13.39 1.35 -23.17
C GLY A 11 13.44 0.22 -24.21
N GLY A 12 14.17 0.46 -25.30
CA GLY A 12 14.20 -0.45 -26.45
C GLY A 12 15.05 -1.70 -26.28
N ASN A 13 14.81 -2.45 -25.20
CA ASN A 13 15.46 -3.74 -24.94
C ASN A 13 17.00 -3.56 -24.72
N ALA A 14 17.77 -4.67 -24.62
CA ALA A 14 19.22 -4.66 -24.39
C ALA A 14 19.74 -6.09 -24.34
N GLN A 15 21.05 -6.27 -24.48
CA GLN A 15 21.66 -7.60 -24.39
C GLN A 15 21.66 -8.09 -22.94
N LYS A 16 22.14 -9.35 -22.73
CA LYS A 16 22.08 -10.02 -21.41
C LYS A 16 20.68 -9.89 -20.83
N SER A 17 19.70 -10.10 -21.73
CA SER A 17 18.26 -9.95 -21.52
C SER A 17 17.70 -10.81 -20.38
N ALA A 18 18.54 -11.65 -19.81
CA ALA A 18 18.17 -12.49 -18.68
C ALA A 18 17.82 -11.61 -17.48
N MET A 19 18.79 -10.82 -17.05
CA MET A 19 18.60 -9.94 -15.90
C MET A 19 18.32 -8.52 -16.34
N ALA A 20 18.52 -8.25 -17.61
CA ALA A 20 18.30 -6.90 -18.14
C ALA A 20 16.81 -6.57 -18.22
N ARG A 21 15.99 -7.58 -18.04
CA ARG A 21 14.55 -7.38 -18.06
C ARG A 21 13.99 -7.01 -16.69
N ALA A 22 14.86 -6.96 -15.68
CA ALA A 22 14.45 -6.58 -14.33
C ALA A 22 14.06 -5.12 -14.32
N LYS A 23 12.72 -4.87 -14.26
CA LYS A 23 12.13 -3.55 -14.40
C LYS A 23 12.31 -3.02 -15.81
N ASN A 24 11.23 -2.80 -16.49
CA ASN A 24 11.30 -2.21 -17.79
C ASN A 24 10.10 -1.32 -18.01
N LEU A 25 10.38 -0.14 -18.53
CA LEU A 25 9.37 0.91 -18.78
C LEU A 25 8.63 1.31 -17.49
N GLU A 26 9.24 2.23 -16.76
CA GLU A 26 8.70 2.71 -15.54
C GLU A 26 7.60 3.73 -15.85
N LYS A 27 6.62 3.81 -14.99
CA LYS A 27 5.49 4.67 -15.20
C LYS A 27 5.24 5.58 -14.02
N ALA A 28 4.73 5.03 -12.95
CA ALA A 28 4.42 5.81 -11.79
C ALA A 28 4.67 5.02 -10.52
N LYS A 29 5.80 5.29 -9.91
CA LYS A 29 6.15 4.68 -8.66
C LYS A 29 5.86 5.64 -7.52
N ALA A 30 5.41 5.09 -6.42
CA ALA A 30 5.06 5.88 -5.26
C ALA A 30 6.31 6.29 -4.48
N ALA A 31 6.47 7.57 -4.29
CA ALA A 31 7.59 8.11 -3.54
C ALA A 31 7.07 9.04 -2.47
N GLY A 32 7.07 8.58 -1.24
CA GLY A 32 6.58 9.38 -0.15
C GLY A 32 6.98 8.79 1.18
N LYS A 33 6.51 7.58 1.44
CA LYS A 33 6.85 6.90 2.67
C LYS A 33 8.17 6.13 2.49
N GLY A 34 8.60 5.42 3.51
CA GLY A 34 9.86 4.72 3.45
C GLY A 34 9.79 3.42 2.65
N SER A 35 9.90 3.54 1.35
CA SER A 35 9.92 2.40 0.48
C SER A 35 11.31 1.77 0.53
N GLN A 36 11.42 0.65 1.19
CA GLN A 36 12.72 0.00 1.34
C GLN A 36 12.69 -1.39 0.75
N LEU A 37 12.09 -2.33 1.46
CA LEU A 37 11.97 -3.69 0.95
C LEU A 37 10.60 -3.96 0.36
N GLU A 38 9.56 -3.36 0.98
CA GLU A 38 8.16 -3.54 0.59
C GLU A 38 7.75 -5.01 0.70
N ALA A 39 7.18 -5.38 1.83
CA ALA A 39 6.78 -6.76 2.07
C ALA A 39 5.73 -6.83 3.13
N ASN A 40 5.99 -6.11 4.21
CA ASN A 40 5.14 -6.07 5.41
C ASN A 40 3.64 -5.88 5.13
N LYS A 41 3.29 -4.94 4.28
CA LYS A 41 1.90 -4.66 4.01
C LYS A 41 1.63 -4.47 2.52
N LYS A 42 2.38 -5.18 1.68
CA LYS A 42 2.20 -5.03 0.22
C LYS A 42 1.05 -5.90 -0.28
N ALA A 43 0.34 -6.47 0.66
CA ALA A 43 -0.82 -7.31 0.37
C ALA A 43 -2.09 -6.50 0.53
N MET A 44 -1.92 -5.21 0.89
CA MET A 44 -3.02 -4.30 1.17
C MET A 44 -3.94 -4.85 2.25
N SER A 45 -3.49 -4.72 3.49
CA SER A 45 -4.20 -5.18 4.66
C SER A 45 -5.57 -4.48 4.82
N ILE A 46 -5.53 -3.23 5.21
CA ILE A 46 -6.73 -2.44 5.42
C ILE A 46 -6.59 -1.14 4.67
N GLN A 47 -7.57 -0.79 3.89
CA GLN A 47 -7.52 0.45 3.16
C GLN A 47 -8.30 1.49 3.93
N CYS A 48 -7.69 2.63 4.12
CA CYS A 48 -8.30 3.71 4.80
C CYS A 48 -9.46 4.27 3.99
N LYS A 49 -10.58 4.27 4.64
CA LYS A 49 -11.89 4.70 4.13
C LYS A 49 -11.81 6.08 3.46
N VAL A 50 -10.92 6.93 3.98
CA VAL A 50 -10.80 8.33 3.51
C VAL A 50 -10.45 8.41 2.02
N CYS A 51 -9.86 7.36 1.48
CA CYS A 51 -9.51 7.29 0.07
C CYS A 51 -8.99 5.91 -0.30
N MET A 52 -7.71 5.66 -0.03
CA MET A 52 -7.10 4.41 -0.45
C MET A 52 -5.75 4.20 0.28
N GLN A 53 -5.70 4.60 1.53
CA GLN A 53 -4.44 4.47 2.30
C GLN A 53 -4.45 3.13 2.94
N THR A 54 -3.47 2.78 3.72
CA THR A 54 -3.51 1.46 4.26
C THR A 54 -2.97 1.39 5.68
N PHE A 55 -3.51 0.46 6.41
CA PHE A 55 -3.15 0.15 7.74
C PHE A 55 -2.85 -1.32 7.78
N ILE A 56 -2.02 -1.72 8.70
CA ILE A 56 -1.63 -3.10 8.80
C ILE A 56 -2.72 -3.91 9.50
N CYS A 57 -2.97 -5.11 9.02
CA CYS A 57 -3.92 -5.97 9.64
C CYS A 57 -3.26 -6.64 10.83
N THR A 58 -3.08 -5.89 11.88
CA THR A 58 -2.52 -6.40 13.10
C THR A 58 -3.63 -6.88 14.04
N THR A 59 -4.86 -6.76 13.57
CA THR A 59 -6.04 -7.17 14.31
C THR A 59 -7.16 -7.43 13.29
N SER A 60 -7.89 -8.50 13.49
CA SER A 60 -8.91 -8.92 12.58
C SER A 60 -10.16 -8.08 12.79
N GLU A 61 -10.77 -7.69 11.69
CA GLU A 61 -12.01 -6.89 11.64
C GLU A 61 -13.13 -7.49 12.53
N VAL A 62 -13.12 -8.81 12.71
CA VAL A 62 -14.10 -9.46 13.54
C VAL A 62 -13.84 -9.19 15.03
N LYS A 63 -12.58 -9.04 15.40
CA LYS A 63 -12.24 -8.73 16.79
C LYS A 63 -12.65 -7.30 17.08
N CYS A 64 -12.41 -6.49 16.13
CA CYS A 64 -12.81 -5.13 16.15
C CYS A 64 -14.34 -5.05 16.21
N ARG A 65 -15.01 -5.96 15.50
CA ARG A 65 -16.45 -6.04 15.46
C ARG A 65 -17.07 -6.24 16.83
N GLU A 66 -16.60 -7.22 17.58
CA GLU A 66 -17.20 -7.50 18.89
C GLU A 66 -17.05 -6.31 19.83
N HIS A 67 -15.94 -5.65 19.76
CA HIS A 67 -15.66 -4.55 20.63
C HIS A 67 -16.43 -3.32 20.17
N ALA A 68 -16.62 -3.22 18.88
CA ALA A 68 -17.28 -2.09 18.28
C ALA A 68 -18.76 -2.15 18.47
N GLU A 69 -19.29 -3.31 18.66
CA GLU A 69 -20.71 -3.41 18.93
C GLU A 69 -21.00 -3.19 20.41
N ALA A 70 -20.01 -3.36 21.25
CA ALA A 70 -20.14 -3.09 22.67
C ALA A 70 -20.02 -1.59 22.95
N LYS A 71 -19.19 -0.92 22.14
CA LYS A 71 -18.93 0.51 22.27
C LYS A 71 -19.71 1.35 21.25
N HIS A 72 -19.10 1.51 20.08
CA HIS A 72 -19.62 2.32 18.96
C HIS A 72 -20.13 3.74 19.31
N PRO A 73 -19.29 4.60 19.90
CA PRO A 73 -19.67 5.95 20.17
C PRO A 73 -19.51 6.85 18.94
N LYS A 74 -18.31 6.87 18.38
CA LYS A 74 -18.04 7.72 17.25
C LYS A 74 -16.82 7.27 16.48
N ALA A 75 -17.04 6.73 15.30
CA ALA A 75 -15.94 6.43 14.40
C ALA A 75 -15.44 7.76 13.86
N ASP A 76 -14.52 8.35 14.59
CA ASP A 76 -14.02 9.71 14.31
C ASP A 76 -12.58 9.68 13.87
N VAL A 77 -11.68 9.46 14.81
CA VAL A 77 -10.27 9.32 14.49
C VAL A 77 -10.02 7.93 13.95
N VAL A 78 -11.03 7.09 14.11
CA VAL A 78 -11.02 5.75 13.61
C VAL A 78 -11.99 5.64 12.44
N ALA A 79 -12.45 6.80 11.92
CA ALA A 79 -13.36 6.83 10.76
C ALA A 79 -12.64 6.33 9.50
N CYS A 80 -11.36 6.07 9.65
CA CYS A 80 -10.53 5.54 8.64
C CYS A 80 -10.89 4.07 8.42
N PHE A 81 -11.41 3.45 9.44
CA PHE A 81 -11.91 2.09 9.35
C PHE A 81 -12.95 1.93 10.46
N PRO A 82 -14.23 2.27 10.14
CA PRO A 82 -15.36 2.34 11.15
C PRO A 82 -15.67 1.02 11.85
N HIS A 83 -14.88 -0.01 11.61
CA HIS A 83 -15.04 -1.25 12.32
C HIS A 83 -14.24 -1.21 13.61
N LEU A 84 -13.43 -0.15 13.76
CA LEU A 84 -12.54 0.00 14.92
C LEU A 84 -13.14 0.95 15.96
N LYS A 85 -14.41 1.33 15.74
CA LYS A 85 -15.16 2.23 16.64
C LYS A 85 -15.09 1.80 18.12
N LYS A 86 -14.30 2.55 18.85
CA LYS A 86 -13.98 2.30 20.24
C LYS A 86 -14.45 3.46 21.09
N GLY A 1 33.11 6.84 -19.74
CA GLY A 1 32.20 7.53 -18.83
C GLY A 1 30.79 7.51 -19.36
N HIS A 2 29.81 7.46 -18.47
CA HIS A 2 28.41 7.41 -18.88
C HIS A 2 27.75 8.77 -18.82
N HIS A 3 26.48 8.83 -19.19
CA HIS A 3 25.71 10.08 -19.17
C HIS A 3 24.82 10.11 -17.93
N HIS A 4 24.41 11.31 -17.53
CA HIS A 4 23.61 11.47 -16.32
C HIS A 4 22.14 11.68 -16.67
N HIS A 5 21.29 10.90 -16.05
CA HIS A 5 19.85 10.98 -16.28
C HIS A 5 19.14 10.35 -15.08
N HIS A 6 18.06 10.98 -14.61
CA HIS A 6 17.30 10.47 -13.45
C HIS A 6 16.77 9.08 -13.78
N HIS A 7 17.02 8.11 -12.92
CA HIS A 7 16.53 6.76 -13.13
C HIS A 7 15.01 6.72 -13.03
N LEU A 8 14.40 5.70 -13.66
CA LEU A 8 12.92 5.50 -13.75
C LEU A 8 12.30 6.35 -14.88
N GLU A 9 13.04 7.34 -15.35
CA GLU A 9 12.55 8.21 -16.40
C GLU A 9 12.87 7.62 -17.76
N GLY A 10 11.91 7.00 -18.40
CA GLY A 10 12.11 6.45 -19.74
C GLY A 10 12.92 5.15 -19.73
N GLY A 11 12.38 4.15 -20.42
CA GLY A 11 13.01 2.85 -20.44
C GLY A 11 14.23 2.78 -21.34
N GLY A 12 15.35 3.25 -20.83
CA GLY A 12 16.58 3.22 -21.61
C GLY A 12 17.61 2.29 -21.03
N ASN A 13 17.17 1.11 -20.60
CA ASN A 13 18.06 0.10 -20.00
C ASN A 13 17.92 -1.24 -20.70
N ALA A 14 19.05 -1.93 -20.90
CA ALA A 14 19.11 -3.17 -21.70
C ALA A 14 18.86 -4.44 -20.90
N GLN A 15 18.62 -5.54 -21.65
CA GLN A 15 18.32 -6.91 -21.12
C GLN A 15 16.89 -6.94 -20.51
N LYS A 16 16.43 -8.13 -20.11
CA LYS A 16 15.15 -8.34 -19.40
C LYS A 16 13.93 -8.23 -20.31
N SER A 17 13.80 -7.12 -20.96
CA SER A 17 12.69 -6.86 -21.83
C SER A 17 13.19 -6.32 -23.14
N ALA A 18 14.44 -6.68 -23.49
CA ALA A 18 15.08 -6.23 -24.73
C ALA A 18 15.06 -4.70 -24.79
N MET A 19 15.34 -4.09 -23.63
CA MET A 19 15.35 -2.63 -23.44
C MET A 19 13.95 -2.05 -23.30
N ALA A 20 12.91 -2.89 -23.21
CA ALA A 20 11.58 -2.33 -23.04
C ALA A 20 11.40 -1.87 -21.60
N ARG A 21 12.08 -2.57 -20.69
CA ARG A 21 12.03 -2.30 -19.27
C ARG A 21 12.97 -3.25 -18.50
N ALA A 22 14.25 -2.91 -18.42
CA ALA A 22 15.16 -3.74 -17.62
C ALA A 22 14.78 -3.72 -16.13
N LYS A 23 15.21 -2.70 -15.42
CA LYS A 23 14.83 -2.48 -14.03
C LYS A 23 14.40 -1.06 -13.92
N ASN A 24 14.15 -0.51 -15.08
CA ASN A 24 13.87 0.89 -15.21
C ASN A 24 12.40 1.22 -14.94
N LEU A 25 11.50 0.33 -15.34
CA LEU A 25 10.09 0.63 -15.23
C LEU A 25 9.41 -0.41 -14.33
N GLU A 26 9.12 -1.60 -14.90
CA GLU A 26 8.44 -2.71 -14.20
C GLU A 26 7.11 -2.32 -13.50
N LYS A 27 6.00 -2.55 -14.23
CA LYS A 27 4.62 -2.27 -13.77
C LYS A 27 4.35 -0.75 -13.68
N ALA A 28 3.64 -0.26 -14.67
CA ALA A 28 3.38 1.17 -14.78
C ALA A 28 2.39 1.67 -13.75
N LYS A 29 1.24 1.04 -13.68
CA LYS A 29 0.20 1.46 -12.76
C LYS A 29 -0.03 0.39 -11.70
N ALA A 30 0.84 -0.59 -11.71
CA ALA A 30 0.77 -1.68 -10.75
C ALA A 30 2.03 -1.70 -9.88
N ALA A 31 2.70 -0.56 -9.84
CA ALA A 31 3.93 -0.37 -9.07
C ALA A 31 3.63 -0.27 -7.59
N GLY A 32 4.48 -0.85 -6.76
CA GLY A 32 4.27 -0.83 -5.35
C GLY A 32 5.16 0.18 -4.62
N LYS A 33 5.67 -0.23 -3.45
CA LYS A 33 6.52 0.61 -2.58
C LYS A 33 7.53 -0.30 -1.83
N GLY A 34 7.94 -1.37 -2.49
CA GLY A 34 8.87 -2.31 -1.89
C GLY A 34 10.17 -2.34 -2.63
N SER A 35 11.13 -3.13 -2.10
CA SER A 35 12.49 -3.28 -2.65
C SER A 35 13.28 -4.15 -1.69
N GLN A 36 13.04 -3.90 -0.40
CA GLN A 36 13.66 -4.65 0.68
C GLN A 36 12.94 -5.97 0.86
N LEU A 37 13.29 -6.72 1.91
CA LEU A 37 12.65 -7.99 2.23
C LEU A 37 11.14 -7.79 2.38
N GLU A 38 10.77 -6.73 3.12
CA GLU A 38 9.39 -6.29 3.32
C GLU A 38 8.51 -7.28 4.14
N ALA A 39 8.04 -6.80 5.27
CA ALA A 39 7.25 -7.61 6.17
C ALA A 39 5.78 -7.55 5.79
N ASN A 40 5.06 -8.64 6.08
CA ASN A 40 3.62 -8.74 5.78
C ASN A 40 2.85 -7.57 6.40
N LYS A 41 3.16 -7.25 7.65
CA LYS A 41 2.49 -6.17 8.34
C LYS A 41 3.28 -4.86 8.28
N LYS A 42 4.00 -4.64 7.17
CA LYS A 42 4.69 -3.37 6.94
C LYS A 42 3.66 -2.24 6.93
N ALA A 43 2.50 -2.54 6.32
CA ALA A 43 1.36 -1.61 6.24
C ALA A 43 0.25 -2.21 5.44
N MET A 44 0.55 -3.20 4.61
CA MET A 44 -0.50 -3.85 3.81
C MET A 44 -1.39 -4.64 4.73
N SER A 45 -2.40 -3.97 5.21
CA SER A 45 -3.27 -4.54 6.17
C SER A 45 -4.76 -4.10 6.00
N ILE A 46 -5.08 -2.87 6.35
CA ILE A 46 -6.47 -2.39 6.27
C ILE A 46 -6.58 -1.35 5.19
N GLN A 47 -7.63 -1.42 4.39
CA GLN A 47 -7.77 -0.50 3.28
C GLN A 47 -8.70 0.67 3.68
N CYS A 48 -8.17 1.87 3.56
CA CYS A 48 -8.79 3.13 4.00
C CYS A 48 -10.14 3.42 3.32
N LYS A 49 -11.05 3.98 4.12
CA LYS A 49 -12.42 4.32 3.73
C LYS A 49 -12.41 5.53 2.80
N VAL A 50 -11.42 6.41 3.02
CA VAL A 50 -11.37 7.69 2.28
C VAL A 50 -11.22 7.46 0.76
N CYS A 51 -10.65 6.33 0.42
CA CYS A 51 -10.45 5.99 -0.96
C CYS A 51 -10.20 4.50 -1.09
N MET A 52 -8.97 4.07 -0.76
CA MET A 52 -8.58 2.67 -0.95
C MET A 52 -7.11 2.50 -0.51
N GLN A 53 -6.73 3.22 0.52
CA GLN A 53 -5.30 3.29 0.94
C GLN A 53 -5.09 2.25 2.02
N THR A 54 -4.02 2.29 2.79
CA THR A 54 -3.90 1.25 3.80
C THR A 54 -3.41 1.79 5.17
N PHE A 55 -3.63 0.97 6.19
CA PHE A 55 -3.25 1.18 7.57
C PHE A 55 -2.87 -0.17 8.14
N ILE A 56 -2.44 -0.19 9.39
CA ILE A 56 -1.98 -1.42 10.01
C ILE A 56 -3.13 -2.22 10.64
N CYS A 57 -3.14 -3.51 10.41
CA CYS A 57 -4.11 -4.35 11.00
C CYS A 57 -3.39 -5.21 12.02
N THR A 58 -3.23 -4.66 13.20
CA THR A 58 -2.66 -5.40 14.31
C THR A 58 -3.43 -6.70 14.60
N THR A 59 -4.74 -6.67 14.40
CA THR A 59 -5.60 -7.80 14.65
C THR A 59 -6.10 -8.37 13.29
N SER A 60 -7.23 -9.05 13.29
CA SER A 60 -7.83 -9.59 12.07
C SER A 60 -8.96 -8.65 11.58
N GLU A 61 -8.91 -7.39 12.02
CA GLU A 61 -9.93 -6.31 11.79
C GLU A 61 -11.28 -6.64 12.45
N VAL A 62 -11.78 -7.85 12.19
CA VAL A 62 -13.06 -8.35 12.66
C VAL A 62 -13.26 -8.18 14.18
N LYS A 63 -12.17 -8.20 14.93
CA LYS A 63 -12.27 -8.05 16.36
C LYS A 63 -12.62 -6.59 16.70
N CYS A 64 -12.06 -5.69 15.97
CA CYS A 64 -12.38 -4.31 16.14
C CYS A 64 -13.75 -4.03 15.53
N ARG A 65 -14.10 -4.80 14.51
CA ARG A 65 -15.37 -4.73 13.82
C ARG A 65 -16.53 -4.93 14.78
N GLU A 66 -16.51 -6.05 15.51
CA GLU A 66 -17.55 -6.37 16.48
C GLU A 66 -17.64 -5.28 17.55
N HIS A 67 -16.50 -4.74 17.94
CA HIS A 67 -16.49 -3.72 18.97
C HIS A 67 -16.93 -2.37 18.42
N ALA A 68 -16.74 -2.16 17.15
CA ALA A 68 -17.07 -0.89 16.52
C ALA A 68 -18.52 -0.79 16.19
N GLU A 69 -19.11 -1.88 15.75
CA GLU A 69 -20.51 -1.88 15.42
C GLU A 69 -21.35 -1.84 16.69
N ALA A 70 -20.76 -2.30 17.78
CA ALA A 70 -21.41 -2.30 19.07
C ALA A 70 -21.16 -1.00 19.83
N LYS A 71 -20.29 -0.15 19.30
CA LYS A 71 -19.93 1.11 19.95
C LYS A 71 -19.90 2.28 18.99
N HIS A 72 -18.74 2.46 18.31
CA HIS A 72 -18.49 3.56 17.35
C HIS A 72 -18.87 4.93 18.00
N PRO A 73 -18.33 5.26 19.23
CA PRO A 73 -18.71 6.50 19.93
C PRO A 73 -18.34 7.71 19.12
N LYS A 74 -17.12 7.69 18.61
CA LYS A 74 -16.63 8.77 17.79
C LYS A 74 -15.32 8.33 17.11
N ALA A 75 -15.41 8.06 15.82
CA ALA A 75 -14.21 7.67 15.05
C ALA A 75 -13.05 8.73 15.07
N ASP A 76 -13.36 9.95 14.70
CA ASP A 76 -12.37 11.10 14.65
C ASP A 76 -11.17 10.81 13.76
N VAL A 77 -10.10 10.34 14.38
CA VAL A 77 -8.85 10.08 13.72
C VAL A 77 -8.84 8.71 13.09
N VAL A 78 -9.75 7.88 13.52
CA VAL A 78 -9.89 6.58 12.91
C VAL A 78 -11.08 6.58 12.00
N ALA A 79 -11.61 7.79 11.71
CA ALA A 79 -12.74 7.94 10.76
C ALA A 79 -12.36 7.47 9.34
N CYS A 80 -11.07 7.28 9.13
CA CYS A 80 -10.57 6.76 7.88
C CYS A 80 -10.84 5.28 7.77
N PHE A 81 -11.25 4.69 8.88
CA PHE A 81 -11.71 3.33 8.91
C PHE A 81 -12.39 3.08 10.28
N PRO A 82 -13.68 3.45 10.40
CA PRO A 82 -14.46 3.41 11.68
C PRO A 82 -14.66 2.02 12.29
N HIS A 83 -13.97 1.03 11.80
CA HIS A 83 -14.04 -0.29 12.42
C HIS A 83 -12.99 -0.37 13.53
N LEU A 84 -12.22 0.70 13.70
CA LEU A 84 -11.10 0.67 14.63
C LEU A 84 -11.39 1.37 15.98
N LYS A 85 -12.61 1.88 16.16
CA LYS A 85 -12.91 2.54 17.43
C LYS A 85 -12.97 1.67 18.66
N LYS A 86 -12.76 2.34 19.74
CA LYS A 86 -12.74 1.83 21.09
C LYS A 86 -13.88 2.45 21.84
N GLY A 1 14.61 27.57 3.57
CA GLY A 1 13.88 26.37 3.98
C GLY A 1 14.68 25.14 3.72
N HIS A 2 14.18 23.99 4.14
CA HIS A 2 14.89 22.74 3.95
C HIS A 2 14.65 22.18 2.57
N HIS A 3 15.67 21.62 1.99
CA HIS A 3 15.59 21.06 0.67
C HIS A 3 15.26 19.59 0.76
N HIS A 4 14.72 19.05 -0.33
CA HIS A 4 14.30 17.63 -0.43
C HIS A 4 13.11 17.35 0.48
N HIS A 5 11.92 17.64 0.01
CA HIS A 5 10.75 17.40 0.85
C HIS A 5 9.56 16.95 0.01
N HIS A 6 9.05 15.76 0.35
CA HIS A 6 7.79 15.17 -0.21
C HIS A 6 7.53 15.47 -1.71
N HIS A 7 7.98 14.61 -2.60
CA HIS A 7 7.77 14.84 -4.03
C HIS A 7 6.71 13.94 -4.60
N LEU A 8 6.09 14.43 -5.65
CA LEU A 8 5.11 13.72 -6.45
C LEU A 8 5.57 13.72 -7.90
N GLU A 9 6.73 14.30 -8.09
CA GLU A 9 7.33 14.42 -9.39
C GLU A 9 8.56 13.53 -9.34
N GLY A 10 8.71 12.68 -10.32
CA GLY A 10 9.80 11.75 -10.34
C GLY A 10 9.35 10.35 -10.02
N GLY A 11 9.88 9.40 -10.74
CA GLY A 11 9.52 8.02 -10.54
C GLY A 11 10.64 7.14 -11.00
N GLY A 12 10.55 5.86 -10.71
CA GLY A 12 11.59 4.93 -11.11
C GLY A 12 12.40 4.42 -9.95
N ASN A 13 12.15 5.03 -8.79
CA ASN A 13 12.79 4.68 -7.51
C ASN A 13 14.26 5.11 -7.48
N ALA A 14 14.89 4.93 -6.34
CA ALA A 14 16.29 5.28 -6.16
C ALA A 14 16.92 4.31 -5.17
N GLN A 15 16.33 3.11 -5.11
CA GLN A 15 16.75 2.00 -4.22
C GLN A 15 16.40 2.30 -2.76
N LYS A 16 17.00 3.33 -2.21
CA LYS A 16 16.74 3.74 -0.84
C LYS A 16 15.59 4.74 -0.79
N SER A 17 14.79 4.70 -1.83
CA SER A 17 13.68 5.58 -2.02
C SER A 17 12.47 5.23 -1.15
N ALA A 18 12.58 4.13 -0.41
CA ALA A 18 11.50 3.59 0.44
C ALA A 18 10.78 4.67 1.27
N MET A 19 11.52 5.52 1.93
CA MET A 19 10.90 6.58 2.72
C MET A 19 11.37 7.93 2.25
N ALA A 20 12.17 7.92 1.19
CA ALA A 20 12.71 9.15 0.65
C ALA A 20 11.73 9.74 -0.36
N ARG A 21 10.88 8.90 -0.92
CA ARG A 21 9.87 9.33 -1.87
C ARG A 21 8.52 9.43 -1.22
N ALA A 22 8.04 8.27 -0.69
CA ALA A 22 6.74 8.14 0.02
C ALA A 22 5.52 8.32 -0.91
N LYS A 23 5.47 9.44 -1.60
CA LYS A 23 4.41 9.76 -2.47
C LYS A 23 4.78 9.42 -3.93
N ASN A 24 5.69 10.26 -4.49
CA ASN A 24 6.26 10.18 -5.86
C ASN A 24 5.23 9.95 -6.97
N LEU A 25 5.74 9.75 -8.19
CA LEU A 25 4.90 9.47 -9.31
C LEU A 25 4.71 7.97 -9.45
N GLU A 26 3.46 7.57 -9.51
CA GLU A 26 3.08 6.17 -9.62
C GLU A 26 2.99 5.74 -11.08
N LYS A 27 3.15 4.45 -11.32
CA LYS A 27 3.04 3.93 -12.67
C LYS A 27 1.88 2.93 -12.75
N ALA A 28 2.15 1.71 -12.38
CA ALA A 28 1.15 0.68 -12.42
C ALA A 28 0.69 0.40 -10.99
N LYS A 29 -0.34 -0.40 -10.88
CA LYS A 29 -0.90 -0.79 -9.60
C LYS A 29 -1.71 -2.05 -9.77
N ALA A 30 -1.68 -2.91 -8.78
CA ALA A 30 -2.40 -4.15 -8.80
C ALA A 30 -2.76 -4.55 -7.38
N ALA A 31 -3.66 -5.48 -7.25
CA ALA A 31 -4.08 -6.00 -5.97
C ALA A 31 -4.38 -7.46 -6.12
N GLY A 32 -3.99 -8.25 -5.16
CA GLY A 32 -4.20 -9.65 -5.22
C GLY A 32 -3.63 -10.33 -4.02
N LYS A 33 -3.38 -11.62 -4.13
CA LYS A 33 -2.84 -12.39 -3.02
C LYS A 33 -1.71 -13.29 -3.54
N GLY A 34 -0.49 -12.92 -3.24
CA GLY A 34 0.65 -13.66 -3.69
C GLY A 34 1.80 -13.56 -2.72
N SER A 35 2.15 -14.68 -2.13
CA SER A 35 3.25 -14.77 -1.18
C SER A 35 3.78 -16.21 -1.24
N GLN A 36 4.87 -16.49 -0.56
CA GLN A 36 5.43 -17.82 -0.57
C GLN A 36 6.25 -18.05 0.68
N LEU A 37 6.04 -19.22 1.30
CA LEU A 37 6.71 -19.63 2.55
C LEU A 37 6.22 -18.80 3.75
N GLU A 38 6.40 -17.51 3.66
CA GLU A 38 6.01 -16.57 4.68
C GLU A 38 4.56 -16.13 4.48
N ALA A 39 3.76 -16.23 5.54
CA ALA A 39 2.37 -15.84 5.52
C ALA A 39 1.90 -15.61 6.96
N ASN A 40 1.64 -14.37 7.32
CA ASN A 40 1.18 -14.06 8.67
C ASN A 40 -0.29 -13.66 8.71
N LYS A 41 -1.04 -14.04 7.69
CA LYS A 41 -2.48 -13.68 7.62
C LYS A 41 -3.35 -14.57 8.51
N LYS A 42 -2.71 -15.32 9.39
CA LYS A 42 -3.41 -16.22 10.30
C LYS A 42 -4.21 -15.44 11.35
N ALA A 43 -3.86 -14.19 11.53
CA ALA A 43 -4.55 -13.35 12.50
C ALA A 43 -5.71 -12.57 11.85
N MET A 44 -6.10 -12.97 10.60
CA MET A 44 -7.23 -12.35 9.82
C MET A 44 -6.84 -10.96 9.23
N SER A 45 -5.64 -10.52 9.57
CA SER A 45 -5.04 -9.29 9.14
C SER A 45 -5.92 -8.04 9.27
N ILE A 46 -6.54 -7.63 8.17
CA ILE A 46 -7.36 -6.43 8.14
C ILE A 46 -8.74 -6.76 7.57
N GLN A 47 -9.80 -6.42 8.27
CA GLN A 47 -11.16 -6.75 7.82
C GLN A 47 -11.78 -5.51 7.16
N CYS A 48 -12.37 -5.72 6.01
CA CYS A 48 -12.96 -4.67 5.22
C CYS A 48 -14.25 -4.14 5.82
N LYS A 49 -14.31 -2.81 5.89
CA LYS A 49 -15.40 -1.99 6.44
C LYS A 49 -16.76 -2.35 5.81
N VAL A 50 -16.73 -2.81 4.57
CA VAL A 50 -17.94 -3.05 3.79
C VAL A 50 -18.81 -4.14 4.40
N CYS A 51 -18.19 -5.05 5.11
CA CYS A 51 -18.88 -6.14 5.72
C CYS A 51 -17.97 -6.91 6.66
N MET A 52 -17.10 -7.74 6.09
CA MET A 52 -16.23 -8.59 6.90
C MET A 52 -15.19 -9.28 6.00
N GLN A 53 -14.66 -8.54 5.04
CA GLN A 53 -13.68 -9.14 4.09
C GLN A 53 -12.31 -8.90 4.62
N THR A 54 -11.29 -9.21 3.89
CA THR A 54 -9.98 -9.03 4.45
C THR A 54 -8.99 -8.47 3.43
N PHE A 55 -7.91 -7.93 3.95
CA PHE A 55 -6.82 -7.36 3.24
C PHE A 55 -5.58 -7.76 3.98
N ILE A 56 -4.49 -7.93 3.29
CA ILE A 56 -3.24 -8.35 3.91
C ILE A 56 -2.63 -7.26 4.80
N CYS A 57 -2.17 -7.65 5.97
CA CYS A 57 -1.50 -6.75 6.83
C CYS A 57 -0.02 -6.61 6.42
N THR A 58 0.18 -5.85 5.35
CA THR A 58 1.51 -5.51 4.83
C THR A 58 2.31 -4.66 5.88
N THR A 59 1.64 -4.26 6.93
CA THR A 59 2.20 -3.48 7.99
C THR A 59 1.49 -3.93 9.28
N SER A 60 1.92 -3.48 10.45
CA SER A 60 1.38 -3.95 11.72
C SER A 60 -0.03 -3.37 12.00
N GLU A 61 -0.69 -2.83 10.95
CA GLU A 61 -2.01 -2.18 11.03
C GLU A 61 -2.00 -0.92 11.92
N VAL A 62 -1.68 -1.11 13.19
CA VAL A 62 -1.69 -0.05 14.18
C VAL A 62 -0.71 1.04 13.81
N LYS A 63 0.34 0.67 13.10
CA LYS A 63 1.34 1.63 12.68
C LYS A 63 0.65 2.60 11.68
N CYS A 64 -0.15 2.02 10.82
CA CYS A 64 -0.93 2.77 9.87
C CYS A 64 -1.95 3.57 10.63
N ARG A 65 -2.42 2.99 11.75
CA ARG A 65 -3.37 3.67 12.60
C ARG A 65 -2.82 4.94 13.16
N GLU A 66 -1.53 4.94 13.51
CA GLU A 66 -0.89 6.12 14.09
C GLU A 66 -1.06 7.29 13.15
N HIS A 67 -0.71 7.03 11.89
CA HIS A 67 -0.81 8.05 10.86
C HIS A 67 -2.26 8.41 10.57
N ALA A 68 -3.11 7.44 10.69
CA ALA A 68 -4.51 7.61 10.35
C ALA A 68 -5.26 8.37 11.39
N GLU A 69 -5.06 8.06 12.65
CA GLU A 69 -5.79 8.72 13.72
C GLU A 69 -5.41 10.22 13.74
N ALA A 70 -4.17 10.50 13.37
CA ALA A 70 -3.65 11.85 13.32
C ALA A 70 -3.90 12.50 11.95
N LYS A 71 -4.67 11.84 11.10
CA LYS A 71 -5.00 12.35 9.78
C LYS A 71 -6.41 11.99 9.37
N HIS A 72 -6.57 10.79 8.80
CA HIS A 72 -7.86 10.30 8.27
C HIS A 72 -8.63 11.38 7.48
N PRO A 73 -8.00 11.94 6.40
CA PRO A 73 -8.58 13.03 5.62
C PRO A 73 -9.97 12.75 5.09
N LYS A 74 -10.23 11.48 4.68
CA LYS A 74 -11.54 11.14 4.13
C LYS A 74 -11.73 9.65 3.91
N ALA A 75 -10.67 8.99 3.42
CA ALA A 75 -10.70 7.57 2.99
C ALA A 75 -11.38 7.48 1.62
N ASP A 76 -10.57 7.21 0.64
CA ASP A 76 -10.93 7.28 -0.79
C ASP A 76 -11.53 5.95 -1.25
N VAL A 77 -10.75 5.18 -2.00
CA VAL A 77 -11.12 3.82 -2.33
C VAL A 77 -10.63 2.93 -1.22
N VAL A 78 -9.88 3.55 -0.33
CA VAL A 78 -9.34 2.92 0.87
C VAL A 78 -10.33 3.11 2.01
N ALA A 79 -11.56 3.50 1.66
CA ALA A 79 -12.64 3.65 2.62
C ALA A 79 -13.12 2.28 3.11
N CYS A 80 -12.45 1.27 2.60
CA CYS A 80 -12.63 -0.09 2.98
C CYS A 80 -11.95 -0.33 4.32
N PHE A 81 -11.01 0.52 4.66
CA PHE A 81 -10.43 0.53 5.97
C PHE A 81 -9.83 1.92 6.16
N PRO A 82 -10.63 2.87 6.72
CA PRO A 82 -10.26 4.31 6.83
C PRO A 82 -9.03 4.61 7.67
N HIS A 83 -8.36 3.58 8.11
CA HIS A 83 -7.15 3.78 8.88
C HIS A 83 -5.95 3.53 7.97
N LEU A 84 -6.23 3.42 6.66
CA LEU A 84 -5.18 3.23 5.66
C LEU A 84 -5.02 4.47 4.77
N LYS A 85 -5.81 5.52 5.02
CA LYS A 85 -5.67 6.74 4.25
C LYS A 85 -4.38 7.39 4.75
N LYS A 86 -3.83 8.19 3.96
CA LYS A 86 -2.58 8.80 4.23
C LYS A 86 -2.66 10.28 4.05
N GLY A 1 29.63 5.08 -32.38
CA GLY A 1 29.92 3.98 -31.47
C GLY A 1 29.67 4.37 -30.05
N HIS A 2 30.17 3.55 -29.10
CA HIS A 2 30.01 3.74 -27.66
C HIS A 2 28.60 3.41 -27.21
N HIS A 3 28.50 2.55 -26.19
CA HIS A 3 27.22 2.06 -25.63
C HIS A 3 26.59 1.02 -26.58
N HIS A 4 25.33 0.67 -26.36
CA HIS A 4 24.70 -0.36 -27.18
C HIS A 4 23.95 0.25 -28.34
N HIS A 5 23.57 -0.59 -29.30
CA HIS A 5 22.87 -0.12 -30.51
C HIS A 5 21.43 0.29 -30.24
N HIS A 6 20.80 -0.31 -29.26
CA HIS A 6 19.41 0.00 -28.98
C HIS A 6 19.23 0.48 -27.55
N HIS A 7 18.53 1.59 -27.38
CA HIS A 7 18.27 2.16 -26.08
C HIS A 7 16.80 2.56 -25.99
N LEU A 8 16.11 1.96 -25.02
CA LEU A 8 14.66 2.21 -24.70
C LEU A 8 13.72 1.70 -25.81
N GLU A 9 13.81 2.29 -27.00
CA GLU A 9 12.91 1.95 -28.13
C GLU A 9 13.28 0.59 -28.79
N GLY A 10 13.99 -0.24 -28.06
CA GLY A 10 14.42 -1.49 -28.55
C GLY A 10 13.86 -2.65 -27.76
N GLY A 11 13.81 -2.52 -26.45
CA GLY A 11 13.35 -3.60 -25.61
C GLY A 11 14.42 -4.64 -25.44
N GLY A 12 14.07 -5.91 -25.64
CA GLY A 12 15.05 -6.97 -25.55
C GLY A 12 15.42 -7.34 -24.12
N ASN A 13 14.45 -7.81 -23.36
CA ASN A 13 14.72 -8.28 -22.02
C ASN A 13 15.29 -9.70 -22.10
N ALA A 14 16.59 -9.83 -21.93
CA ALA A 14 17.22 -11.15 -21.98
C ALA A 14 18.30 -11.25 -20.95
N GLN A 15 17.92 -11.73 -19.76
CA GLN A 15 18.81 -11.88 -18.59
C GLN A 15 19.30 -10.50 -18.10
N LYS A 16 19.92 -10.46 -16.92
CA LYS A 16 20.39 -9.18 -16.31
C LYS A 16 19.18 -8.26 -16.07
N SER A 17 18.02 -8.88 -15.95
CA SER A 17 16.73 -8.21 -15.81
C SER A 17 16.61 -7.42 -14.49
N ALA A 18 17.65 -7.51 -13.66
CA ALA A 18 17.71 -6.77 -12.43
C ALA A 18 17.82 -5.27 -12.75
N MET A 19 18.53 -4.96 -13.84
CA MET A 19 18.66 -3.58 -14.27
C MET A 19 18.25 -3.37 -15.73
N ALA A 20 18.21 -4.45 -16.50
CA ALA A 20 17.86 -4.36 -17.94
C ALA A 20 16.37 -4.04 -18.16
N ARG A 21 15.59 -4.06 -17.09
CA ARG A 21 14.18 -3.69 -17.18
C ARG A 21 13.98 -2.25 -16.72
N ALA A 22 14.96 -1.74 -16.01
CA ALA A 22 14.89 -0.41 -15.48
C ALA A 22 15.16 0.58 -16.58
N LYS A 23 14.32 1.59 -16.65
CA LYS A 23 14.36 2.66 -17.64
C LYS A 23 13.94 2.17 -19.05
N ASN A 24 14.38 0.95 -19.39
CA ASN A 24 14.16 0.33 -20.70
C ASN A 24 12.66 0.24 -21.09
N LEU A 25 11.92 -0.69 -20.47
CA LEU A 25 10.51 -0.85 -20.82
C LEU A 25 9.59 -0.52 -19.65
N GLU A 26 9.39 -1.46 -18.77
CA GLU A 26 8.53 -1.22 -17.63
C GLU A 26 9.33 -1.00 -16.38
N LYS A 27 9.20 0.19 -15.83
CA LYS A 27 9.95 0.59 -14.68
C LYS A 27 9.30 0.09 -13.41
N ALA A 28 9.79 -1.01 -12.91
CA ALA A 28 9.28 -1.62 -11.72
C ALA A 28 9.72 -0.88 -10.48
N LYS A 29 8.75 -0.35 -9.75
CA LYS A 29 8.97 0.33 -8.49
C LYS A 29 7.90 -0.09 -7.51
N ALA A 30 8.30 -0.41 -6.30
CA ALA A 30 7.34 -0.85 -5.28
C ALA A 30 7.57 -0.12 -3.96
N ALA A 31 8.45 0.87 -3.98
CA ALA A 31 8.79 1.60 -2.78
C ALA A 31 8.18 2.99 -2.80
N GLY A 32 7.06 3.14 -2.09
CA GLY A 32 6.41 4.43 -1.99
C GLY A 32 6.70 5.10 -0.66
N LYS A 33 5.91 4.77 0.35
CA LYS A 33 6.10 5.33 1.70
C LYS A 33 7.03 4.41 2.53
N GLY A 34 7.88 3.67 1.84
CA GLY A 34 8.80 2.78 2.50
C GLY A 34 9.98 3.53 3.07
N SER A 35 9.94 3.78 4.35
CA SER A 35 10.99 4.49 5.05
C SER A 35 12.32 3.74 4.96
N GLN A 36 12.25 2.43 5.19
CA GLN A 36 13.40 1.57 5.07
C GLN A 36 12.86 0.15 5.19
N LEU A 37 12.79 -0.54 4.06
CA LEU A 37 12.26 -1.91 3.97
C LEU A 37 10.73 -1.94 4.23
N GLU A 38 10.35 -1.86 5.51
CA GLU A 38 8.96 -1.97 5.94
C GLU A 38 8.31 -3.24 5.41
N ALA A 39 8.52 -4.32 6.10
CA ALA A 39 8.01 -5.61 5.67
C ALA A 39 6.53 -5.74 5.94
N ASN A 40 5.78 -6.05 4.86
CA ASN A 40 4.32 -6.22 4.89
C ASN A 40 3.61 -4.92 5.22
N LYS A 41 2.27 -5.00 5.38
CA LYS A 41 1.39 -3.85 5.81
C LYS A 41 1.33 -2.77 4.71
N LYS A 42 1.95 -3.06 3.59
CA LYS A 42 2.15 -2.12 2.51
C LYS A 42 0.99 -2.26 1.50
N ALA A 43 -0.02 -3.01 1.91
CA ALA A 43 -1.17 -3.31 1.07
C ALA A 43 -2.33 -2.38 1.41
N MET A 44 -2.05 -1.38 2.23
CA MET A 44 -3.04 -0.45 2.73
C MET A 44 -4.09 -1.19 3.56
N SER A 45 -3.68 -1.55 4.75
CA SER A 45 -4.47 -2.25 5.72
C SER A 45 -5.84 -1.57 5.99
N ILE A 46 -5.81 -0.33 6.44
CA ILE A 46 -7.04 0.42 6.72
C ILE A 46 -6.99 1.75 6.00
N GLN A 47 -8.03 2.06 5.25
CA GLN A 47 -8.08 3.32 4.56
C GLN A 47 -8.97 4.25 5.38
N CYS A 48 -8.44 5.40 5.73
CA CYS A 48 -9.10 6.38 6.56
C CYS A 48 -10.40 6.85 5.94
N LYS A 49 -11.48 6.67 6.70
CA LYS A 49 -12.85 7.02 6.32
C LYS A 49 -12.95 8.48 5.84
N VAL A 50 -12.12 9.34 6.39
CA VAL A 50 -12.19 10.78 6.09
C VAL A 50 -11.90 11.09 4.63
N CYS A 51 -11.10 10.24 3.99
CA CYS A 51 -10.74 10.47 2.61
C CYS A 51 -10.23 9.19 1.97
N MET A 52 -8.97 8.81 2.26
CA MET A 52 -8.35 7.63 1.64
C MET A 52 -6.92 7.43 2.20
N GLN A 53 -6.73 7.70 3.47
CA GLN A 53 -5.37 7.57 4.07
C GLN A 53 -5.19 6.20 4.64
N THR A 54 -4.07 5.87 5.18
CA THR A 54 -3.88 4.53 5.57
C THR A 54 -3.41 4.38 7.04
N PHE A 55 -3.94 3.36 7.71
CA PHE A 55 -3.56 2.95 9.05
C PHE A 55 -3.20 1.47 9.00
N ILE A 56 -2.69 0.94 10.10
CA ILE A 56 -2.25 -0.45 10.13
C ILE A 56 -3.36 -1.33 10.72
N CYS A 57 -3.65 -2.42 10.07
CA CYS A 57 -4.63 -3.32 10.59
C CYS A 57 -3.86 -4.49 11.17
N THR A 58 -3.45 -4.33 12.41
CA THR A 58 -2.73 -5.37 13.17
C THR A 58 -3.46 -6.77 13.28
N THR A 59 -4.61 -6.90 12.69
CA THR A 59 -5.35 -8.14 12.69
C THR A 59 -6.24 -8.12 11.46
N SER A 60 -7.20 -8.97 11.41
CA SER A 60 -8.14 -8.96 10.33
C SER A 60 -9.22 -7.96 10.67
N GLU A 61 -9.61 -7.13 9.71
CA GLU A 61 -10.69 -6.17 9.92
C GLU A 61 -11.96 -6.90 10.36
N VAL A 62 -12.11 -8.16 9.97
CA VAL A 62 -13.27 -8.93 10.34
C VAL A 62 -13.29 -9.19 11.86
N LYS A 63 -12.10 -9.27 12.45
CA LYS A 63 -11.97 -9.48 13.89
C LYS A 63 -12.38 -8.17 14.58
N CYS A 64 -12.09 -7.10 13.90
CA CYS A 64 -12.52 -5.79 14.30
C CYS A 64 -14.04 -5.65 14.13
N ARG A 65 -14.57 -6.21 13.02
CA ARG A 65 -15.99 -6.13 12.69
C ARG A 65 -16.86 -6.77 13.75
N GLU A 66 -16.54 -8.01 14.14
CA GLU A 66 -17.33 -8.69 15.15
C GLU A 66 -17.29 -7.94 16.48
N HIS A 67 -16.16 -7.34 16.76
CA HIS A 67 -16.00 -6.58 17.98
C HIS A 67 -16.73 -5.22 17.87
N ALA A 68 -16.79 -4.67 16.68
CA ALA A 68 -17.46 -3.41 16.45
C ALA A 68 -18.93 -3.61 16.51
N GLU A 69 -19.41 -4.65 15.86
CA GLU A 69 -20.82 -4.99 15.86
C GLU A 69 -21.27 -5.52 17.24
N ALA A 70 -20.31 -5.72 18.11
CA ALA A 70 -20.56 -6.08 19.52
C ALA A 70 -20.83 -4.80 20.34
N LYS A 71 -19.89 -3.87 20.27
CA LYS A 71 -19.95 -2.62 21.03
C LYS A 71 -20.70 -1.55 20.27
N HIS A 72 -20.02 -0.97 19.29
CA HIS A 72 -20.50 0.13 18.44
C HIS A 72 -21.29 1.21 19.18
N PRO A 73 -20.66 1.93 20.12
CA PRO A 73 -21.31 3.02 20.79
C PRO A 73 -21.26 4.28 19.98
N LYS A 74 -20.09 4.75 19.72
CA LYS A 74 -19.90 5.92 18.95
C LYS A 74 -18.48 5.93 18.44
N ALA A 75 -18.34 5.96 17.16
CA ALA A 75 -17.03 6.09 16.56
C ALA A 75 -16.53 7.55 16.73
N ASP A 76 -15.65 7.75 17.72
CA ASP A 76 -15.13 9.12 18.05
C ASP A 76 -13.82 9.38 17.37
N VAL A 77 -12.74 9.07 18.05
CA VAL A 77 -11.42 9.20 17.48
C VAL A 77 -11.18 8.01 16.58
N VAL A 78 -12.02 7.02 16.75
CA VAL A 78 -11.98 5.85 15.94
C VAL A 78 -12.93 6.05 14.75
N ALA A 79 -13.45 7.27 14.58
CA ALA A 79 -14.36 7.59 13.46
C ALA A 79 -13.62 7.57 12.11
N CYS A 80 -12.29 7.51 12.18
CA CYS A 80 -11.46 7.38 11.02
C CYS A 80 -11.44 5.92 10.58
N PHE A 81 -11.73 5.04 11.54
CA PHE A 81 -11.80 3.61 11.35
C PHE A 81 -12.97 2.98 12.15
N PRO A 82 -14.24 3.31 11.76
CA PRO A 82 -15.47 2.88 12.49
C PRO A 82 -15.75 1.38 12.41
N HIS A 83 -14.83 0.63 11.86
CA HIS A 83 -15.01 -0.83 11.80
C HIS A 83 -14.39 -1.45 13.03
N LEU A 84 -13.73 -0.62 13.78
CA LEU A 84 -13.10 -1.00 15.00
C LEU A 84 -13.43 0.01 16.10
N LYS A 85 -14.73 0.39 16.17
CA LYS A 85 -15.28 1.29 17.17
C LYS A 85 -14.79 1.02 18.65
N LYS A 86 -14.40 -0.24 18.95
CA LYS A 86 -13.73 -0.60 20.25
C LYS A 86 -14.71 -0.83 21.42
N GLY A 1 21.28 8.09 -34.22
CA GLY A 1 22.00 8.33 -32.98
C GLY A 1 22.95 7.20 -32.67
N HIS A 2 23.11 6.93 -31.37
CA HIS A 2 24.05 5.91 -30.85
C HIS A 2 23.65 4.49 -31.26
N HIS A 3 22.36 4.29 -31.52
CA HIS A 3 21.73 2.95 -31.75
C HIS A 3 21.47 2.28 -30.40
N HIS A 4 20.41 1.51 -30.32
CA HIS A 4 20.06 0.77 -29.10
C HIS A 4 19.14 -0.37 -29.45
N HIS A 5 19.28 -1.49 -28.77
CA HIS A 5 18.43 -2.64 -29.02
C HIS A 5 17.39 -2.80 -27.94
N HIS A 6 17.64 -2.15 -26.79
CA HIS A 6 16.74 -2.19 -25.62
C HIS A 6 16.86 -3.53 -24.90
N HIS A 7 17.41 -3.49 -23.68
CA HIS A 7 17.72 -4.72 -22.93
C HIS A 7 16.46 -5.50 -22.56
N LEU A 8 15.42 -4.79 -22.09
CA LEU A 8 14.10 -5.37 -21.75
C LEU A 8 14.14 -6.27 -20.52
N GLU A 9 14.61 -7.49 -20.68
CA GLU A 9 14.68 -8.42 -19.59
C GLU A 9 16.03 -8.29 -18.94
N GLY A 10 16.02 -8.23 -17.64
CA GLY A 10 17.23 -7.99 -16.92
C GLY A 10 17.27 -6.55 -16.48
N GLY A 11 16.49 -6.24 -15.48
CA GLY A 11 16.40 -4.89 -15.01
C GLY A 11 17.21 -4.65 -13.77
N GLY A 12 18.50 -4.91 -13.87
CA GLY A 12 19.40 -4.71 -12.73
C GLY A 12 19.92 -3.29 -12.64
N ASN A 13 19.50 -2.45 -13.61
CA ASN A 13 19.88 -1.00 -13.78
C ASN A 13 21.42 -0.85 -13.94
N ALA A 14 21.90 0.38 -14.09
CA ALA A 14 23.33 0.62 -14.28
C ALA A 14 23.76 1.99 -13.73
N GLN A 15 23.51 2.20 -12.44
CA GLN A 15 23.94 3.41 -11.71
C GLN A 15 23.31 4.71 -12.22
N LYS A 16 23.91 5.33 -13.21
CA LYS A 16 23.43 6.60 -13.74
C LYS A 16 22.33 6.37 -14.77
N SER A 17 21.76 5.20 -14.75
CA SER A 17 20.67 4.82 -15.62
C SER A 17 19.34 5.38 -15.06
N ALA A 18 19.41 6.52 -14.40
CA ALA A 18 18.24 7.18 -13.81
C ALA A 18 17.12 7.39 -14.84
N MET A 19 17.48 7.81 -16.05
CA MET A 19 16.48 8.04 -17.10
C MET A 19 16.33 6.81 -17.99
N ALA A 20 17.26 5.89 -17.88
CA ALA A 20 17.24 4.68 -18.68
C ALA A 20 16.42 3.58 -17.98
N ARG A 21 16.08 3.82 -16.71
CA ARG A 21 15.28 2.86 -15.95
C ARG A 21 13.80 3.14 -16.16
N ALA A 22 13.52 4.26 -16.84
CA ALA A 22 12.16 4.72 -17.12
C ALA A 22 11.35 3.67 -17.87
N LYS A 23 12.00 3.01 -18.82
CA LYS A 23 11.35 1.96 -19.59
C LYS A 23 12.23 0.79 -19.82
N ASN A 24 12.07 -0.22 -19.02
CA ASN A 24 12.79 -1.44 -19.21
C ASN A 24 11.89 -2.64 -18.92
N LEU A 25 11.55 -2.85 -17.64
CA LEU A 25 10.70 -3.98 -17.25
C LEU A 25 9.22 -3.54 -17.13
N GLU A 26 8.87 -2.99 -15.99
CA GLU A 26 7.51 -2.50 -15.74
C GLU A 26 7.62 -1.22 -14.94
N LYS A 27 6.57 -0.46 -14.90
CA LYS A 27 6.56 0.79 -14.16
C LYS A 27 5.53 0.80 -13.02
N ALA A 28 4.32 0.29 -13.29
CA ALA A 28 3.28 0.27 -12.28
C ALA A 28 2.64 -1.09 -12.16
N LYS A 29 2.95 -1.79 -11.08
CA LYS A 29 2.39 -3.11 -10.86
C LYS A 29 1.71 -3.15 -9.48
N ALA A 30 1.95 -2.13 -8.68
CA ALA A 30 1.43 -2.04 -7.34
C ALA A 30 1.36 -0.57 -6.94
N ALA A 31 0.56 -0.29 -5.93
CA ALA A 31 0.38 1.07 -5.46
C ALA A 31 1.35 1.40 -4.33
N GLY A 32 2.43 2.10 -4.67
CA GLY A 32 3.44 2.48 -3.68
C GLY A 32 2.93 3.56 -2.73
N LYS A 33 2.23 4.55 -3.31
CA LYS A 33 1.60 5.67 -2.56
C LYS A 33 2.64 6.58 -1.84
N GLY A 34 3.90 6.45 -2.22
CA GLY A 34 4.93 7.29 -1.62
C GLY A 34 6.29 6.62 -1.64
N SER A 35 6.98 6.73 -2.74
CA SER A 35 8.25 6.06 -2.89
C SER A 35 9.38 6.88 -2.24
N GLN A 36 9.63 6.55 -1.00
CA GLN A 36 10.71 7.10 -0.18
C GLN A 36 11.29 5.95 0.59
N LEU A 37 10.40 5.19 1.19
CA LEU A 37 10.76 3.97 1.85
C LEU A 37 10.27 2.83 0.97
N GLU A 38 8.94 2.86 0.70
CA GLU A 38 8.24 1.89 -0.17
C GLU A 38 8.24 0.50 0.47
N ALA A 39 7.16 0.22 1.22
CA ALA A 39 7.06 -1.02 1.98
C ALA A 39 5.84 -1.84 1.57
N ASN A 40 6.10 -3.10 1.25
CA ASN A 40 5.07 -4.03 0.82
C ASN A 40 4.21 -4.51 1.98
N LYS A 41 2.91 -4.59 1.75
CA LYS A 41 1.99 -5.16 2.73
C LYS A 41 1.41 -6.44 2.12
N LYS A 42 1.54 -6.53 0.79
CA LYS A 42 1.07 -7.64 -0.04
C LYS A 42 -0.47 -7.76 -0.04
N ALA A 43 -1.07 -7.96 1.12
CA ALA A 43 -2.51 -8.14 1.25
C ALA A 43 -3.25 -6.80 1.41
N MET A 44 -2.55 -5.69 1.11
CA MET A 44 -3.04 -4.25 1.17
C MET A 44 -3.49 -3.77 2.57
N SER A 45 -3.86 -4.69 3.42
CA SER A 45 -4.25 -4.46 4.76
C SER A 45 -5.59 -3.74 4.94
N ILE A 46 -5.55 -2.43 5.22
CA ILE A 46 -6.74 -1.67 5.57
C ILE A 46 -6.78 -0.36 4.78
N GLN A 47 -7.97 0.12 4.47
CA GLN A 47 -8.16 1.40 3.75
C GLN A 47 -8.79 2.43 4.70
N CYS A 48 -8.38 3.68 4.55
CA CYS A 48 -8.90 4.79 5.34
C CYS A 48 -10.21 5.30 4.77
N LYS A 49 -11.19 5.42 5.68
CA LYS A 49 -12.58 5.87 5.45
C LYS A 49 -12.60 7.20 4.72
N VAL A 50 -11.63 8.06 5.03
CA VAL A 50 -11.58 9.43 4.52
C VAL A 50 -11.55 9.49 2.99
N CYS A 51 -11.10 8.41 2.36
CA CYS A 51 -11.03 8.30 0.93
C CYS A 51 -10.66 6.88 0.50
N MET A 52 -9.35 6.60 0.44
CA MET A 52 -8.88 5.28 0.00
C MET A 52 -7.40 5.08 0.38
N GLN A 53 -7.05 5.54 1.57
CA GLN A 53 -5.65 5.47 2.04
C GLN A 53 -5.46 4.13 2.69
N THR A 54 -4.37 3.91 3.39
CA THR A 54 -4.17 2.60 3.92
C THR A 54 -3.50 2.61 5.29
N PHE A 55 -3.77 1.56 6.01
CA PHE A 55 -3.21 1.28 7.30
C PHE A 55 -2.70 -0.15 7.24
N ILE A 56 -1.84 -0.53 8.16
CA ILE A 56 -1.27 -1.87 8.13
C ILE A 56 -2.19 -2.80 8.92
N CYS A 57 -2.26 -4.04 8.53
CA CYS A 57 -3.09 -4.99 9.22
C CYS A 57 -2.44 -5.44 10.53
N THR A 58 -2.53 -4.56 11.53
CA THR A 58 -2.09 -4.83 12.88
C THR A 58 -2.84 -6.02 13.48
N THR A 59 -4.04 -6.25 13.01
CA THR A 59 -4.88 -7.30 13.53
C THR A 59 -5.67 -7.89 12.32
N SER A 60 -6.40 -8.96 12.54
CA SER A 60 -7.08 -9.68 11.46
C SER A 60 -8.36 -8.95 10.96
N GLU A 61 -8.48 -7.64 11.27
CA GLU A 61 -9.68 -6.78 10.96
C GLU A 61 -10.91 -7.27 11.70
N VAL A 62 -11.34 -8.48 11.43
CA VAL A 62 -12.52 -9.08 12.01
C VAL A 62 -12.43 -9.10 13.51
N LYS A 63 -11.26 -9.32 14.06
CA LYS A 63 -11.09 -9.32 15.49
C LYS A 63 -11.26 -7.94 16.09
N CYS A 64 -11.03 -6.98 15.29
CA CYS A 64 -11.25 -5.60 15.67
C CYS A 64 -12.75 -5.35 15.57
N ARG A 65 -13.33 -5.95 14.52
CA ARG A 65 -14.75 -5.86 14.24
C ARG A 65 -15.58 -6.51 15.34
N GLU A 66 -15.09 -7.62 15.89
CA GLU A 66 -15.75 -8.31 17.02
C GLU A 66 -15.97 -7.29 18.11
N HIS A 67 -14.89 -6.64 18.49
CA HIS A 67 -14.92 -5.69 19.57
C HIS A 67 -15.55 -4.36 19.11
N ALA A 68 -15.64 -4.15 17.82
CA ALA A 68 -16.23 -2.94 17.32
C ALA A 68 -17.71 -3.04 17.39
N GLU A 69 -18.28 -4.21 17.07
CA GLU A 69 -19.71 -4.41 17.18
C GLU A 69 -20.13 -4.41 18.65
N ALA A 70 -19.13 -4.58 19.51
CA ALA A 70 -19.31 -4.52 20.95
C ALA A 70 -19.46 -3.05 21.45
N LYS A 71 -19.05 -2.07 20.63
CA LYS A 71 -19.11 -0.65 21.02
C LYS A 71 -19.55 0.26 19.86
N HIS A 72 -18.57 0.64 19.02
CA HIS A 72 -18.73 1.52 17.81
C HIS A 72 -19.62 2.80 18.05
N PRO A 73 -19.47 3.54 19.18
CA PRO A 73 -20.33 4.68 19.47
C PRO A 73 -20.01 5.86 18.56
N LYS A 74 -18.77 6.21 18.54
CA LYS A 74 -18.30 7.30 17.79
C LYS A 74 -16.83 7.05 17.48
N ALA A 75 -16.51 7.02 16.24
CA ALA A 75 -15.12 6.97 15.85
C ALA A 75 -14.63 8.42 15.71
N ASP A 76 -13.62 8.76 16.47
CA ASP A 76 -13.14 10.15 16.56
C ASP A 76 -11.96 10.41 15.64
N VAL A 77 -10.75 10.19 16.16
CA VAL A 77 -9.55 10.34 15.36
C VAL A 77 -9.28 9.02 14.67
N VAL A 78 -10.00 8.01 15.12
CA VAL A 78 -9.96 6.68 14.57
C VAL A 78 -11.10 6.52 13.58
N ALA A 79 -11.73 7.64 13.23
CA ALA A 79 -12.83 7.68 12.24
C ALA A 79 -12.32 7.27 10.85
N CYS A 80 -11.03 7.04 10.78
CA CYS A 80 -10.38 6.57 9.60
C CYS A 80 -10.76 5.10 9.36
N PHE A 81 -11.06 4.40 10.43
CA PHE A 81 -11.59 3.07 10.33
C PHE A 81 -12.35 2.78 11.62
N PRO A 82 -13.68 3.07 11.61
CA PRO A 82 -14.58 3.01 12.82
C PRO A 82 -14.72 1.61 13.43
N HIS A 83 -13.96 0.68 12.96
CA HIS A 83 -13.99 -0.64 13.53
C HIS A 83 -12.79 -0.83 14.46
N LEU A 84 -12.06 0.25 14.70
CA LEU A 84 -10.88 0.19 15.56
C LEU A 84 -11.04 1.07 16.81
N LYS A 85 -12.27 1.61 17.05
CA LYS A 85 -12.50 2.50 18.23
C LYS A 85 -12.05 1.91 19.61
N LYS A 86 -12.39 0.65 19.90
CA LYS A 86 -12.01 0.00 21.17
C LYS A 86 -12.88 0.47 22.35
N GLY A 1 19.63 0.41 -35.01
CA GLY A 1 18.75 -0.21 -34.02
C GLY A 1 17.62 0.70 -33.60
N HIS A 2 17.99 1.88 -33.09
CA HIS A 2 17.06 2.93 -32.58
C HIS A 2 16.38 2.49 -31.28
N HIS A 3 15.78 1.30 -31.27
CA HIS A 3 15.24 0.74 -30.05
C HIS A 3 16.32 -0.13 -29.42
N HIS A 4 16.38 -0.16 -28.11
CA HIS A 4 17.38 -1.00 -27.45
C HIS A 4 16.78 -1.95 -26.45
N HIS A 5 15.70 -1.54 -25.81
CA HIS A 5 15.04 -2.40 -24.84
C HIS A 5 13.55 -2.25 -25.00
N HIS A 6 12.82 -3.14 -24.35
CA HIS A 6 11.37 -3.09 -24.36
C HIS A 6 10.88 -2.17 -23.23
N HIS A 7 11.76 -1.86 -22.32
CA HIS A 7 11.43 -0.98 -21.21
C HIS A 7 12.01 0.38 -21.47
N LEU A 8 11.27 1.42 -21.08
CA LEU A 8 11.70 2.83 -21.17
C LEU A 8 11.76 3.30 -22.63
N GLU A 9 12.77 2.85 -23.40
CA GLU A 9 12.98 3.29 -24.83
C GLU A 9 11.76 3.00 -25.72
N GLY A 10 10.91 2.10 -25.27
CA GLY A 10 9.70 1.78 -26.01
C GLY A 10 8.49 1.78 -25.10
N GLY A 11 8.49 2.71 -24.14
CA GLY A 11 7.40 2.78 -23.19
C GLY A 11 6.50 3.97 -23.36
N GLY A 12 6.91 4.89 -24.21
CA GLY A 12 6.14 6.10 -24.45
C GLY A 12 7.08 7.22 -24.66
N ASN A 13 8.15 7.19 -23.89
CA ASN A 13 9.29 8.09 -23.98
C ASN A 13 8.94 9.54 -23.63
N ALA A 14 8.28 10.24 -24.57
CA ALA A 14 7.91 11.65 -24.44
C ALA A 14 9.12 12.57 -24.22
N GLN A 15 8.89 13.87 -24.17
CA GLN A 15 9.97 14.80 -23.93
C GLN A 15 9.56 15.91 -22.99
N LYS A 16 8.40 15.75 -22.37
CA LYS A 16 7.99 16.72 -21.38
C LYS A 16 8.51 16.32 -19.99
N SER A 17 9.33 15.25 -19.97
CA SER A 17 10.01 14.71 -18.75
C SER A 17 9.06 14.10 -17.70
N ALA A 18 7.96 14.75 -17.49
CA ALA A 18 6.97 14.37 -16.47
C ALA A 18 6.47 12.94 -16.64
N MET A 19 5.83 12.68 -17.76
CA MET A 19 5.30 11.35 -18.02
C MET A 19 6.36 10.40 -18.51
N ALA A 20 7.54 10.95 -18.83
CA ALA A 20 8.65 10.17 -19.36
C ALA A 20 9.12 9.17 -18.32
N ARG A 21 9.28 9.63 -17.10
CA ARG A 21 9.75 8.79 -16.01
C ARG A 21 8.59 8.27 -15.19
N ALA A 22 7.39 8.45 -15.70
CA ALA A 22 6.20 8.02 -14.99
C ALA A 22 5.53 6.85 -15.65
N LYS A 23 5.25 6.97 -16.94
CA LYS A 23 4.53 5.95 -17.66
C LYS A 23 5.50 4.86 -18.14
N ASN A 24 6.78 5.10 -17.95
CA ASN A 24 7.83 4.18 -18.38
C ASN A 24 7.74 2.84 -17.64
N LEU A 25 8.39 1.84 -18.16
CA LEU A 25 8.31 0.54 -17.55
C LEU A 25 9.38 0.36 -16.51
N GLU A 26 8.92 0.23 -15.31
CA GLU A 26 9.73 -0.01 -14.13
C GLU A 26 10.47 -1.36 -14.26
N LYS A 27 11.68 -1.45 -13.69
CA LYS A 27 12.47 -2.66 -13.81
C LYS A 27 12.95 -3.19 -12.48
N ALA A 28 12.52 -2.56 -11.41
CA ALA A 28 12.90 -2.95 -10.07
C ALA A 28 11.79 -2.55 -9.14
N LYS A 29 11.66 -3.22 -8.01
CA LYS A 29 10.61 -2.90 -7.05
C LYS A 29 11.19 -2.34 -5.77
N ALA A 30 12.47 -2.67 -5.51
CA ALA A 30 13.22 -2.18 -4.33
C ALA A 30 12.50 -2.55 -3.01
N ALA A 31 12.73 -1.73 -2.00
CA ALA A 31 12.11 -1.88 -0.71
C ALA A 31 11.38 -0.60 -0.38
N GLY A 32 10.64 -0.59 0.71
CA GLY A 32 9.89 0.61 1.05
C GLY A 32 8.59 0.30 1.76
N LYS A 33 8.17 -0.95 1.71
CA LYS A 33 6.96 -1.34 2.40
C LYS A 33 7.25 -1.51 3.90
N GLY A 34 8.49 -1.85 4.20
CA GLY A 34 8.94 -2.04 5.55
C GLY A 34 10.28 -2.71 5.51
N SER A 35 10.94 -2.79 6.64
CA SER A 35 12.24 -3.42 6.70
C SER A 35 12.11 -4.93 6.99
N GLN A 36 11.90 -5.27 8.26
CA GLN A 36 11.74 -6.66 8.64
C GLN A 36 10.57 -6.83 9.59
N LEU A 37 10.66 -6.24 10.77
CA LEU A 37 9.60 -6.32 11.77
C LEU A 37 8.44 -5.42 11.40
N GLU A 38 8.80 -4.23 10.90
CA GLU A 38 7.85 -3.16 10.56
C GLU A 38 6.69 -3.67 9.68
N ALA A 39 7.02 -4.31 8.60
CA ALA A 39 6.00 -4.78 7.73
C ALA A 39 6.14 -6.24 7.42
N ASN A 40 5.85 -7.03 8.39
CA ASN A 40 5.82 -8.44 8.22
C ASN A 40 4.38 -8.86 8.42
N LYS A 41 3.84 -9.61 7.48
CA LYS A 41 2.47 -10.08 7.60
C LYS A 41 2.39 -11.53 7.17
N LYS A 42 2.84 -11.81 5.92
CA LYS A 42 2.87 -13.13 5.30
C LYS A 42 1.47 -13.68 4.98
N ALA A 43 0.56 -13.58 5.94
CA ALA A 43 -0.78 -14.09 5.80
C ALA A 43 -1.69 -13.13 5.04
N MET A 44 -1.20 -11.91 4.79
CA MET A 44 -1.99 -10.82 4.18
C MET A 44 -3.24 -10.53 5.02
N SER A 45 -3.08 -9.66 5.99
CA SER A 45 -4.15 -9.33 6.91
C SER A 45 -5.24 -8.42 6.33
N ILE A 46 -5.02 -7.10 6.35
CA ILE A 46 -6.05 -6.14 5.94
C ILE A 46 -5.36 -5.03 5.14
N GLN A 47 -6.09 -4.29 4.33
CA GLN A 47 -5.51 -3.25 3.49
C GLN A 47 -5.99 -1.86 3.98
N CYS A 48 -5.16 -0.84 3.80
CA CYS A 48 -5.47 0.52 4.25
C CYS A 48 -6.29 1.31 3.23
N LYS A 49 -7.18 2.17 3.75
CA LYS A 49 -8.16 2.96 2.98
C LYS A 49 -7.43 4.00 2.11
N VAL A 50 -6.22 4.34 2.53
CA VAL A 50 -5.41 5.38 1.87
C VAL A 50 -5.07 5.04 0.43
N CYS A 51 -4.97 3.76 0.16
CA CYS A 51 -4.58 3.26 -1.12
C CYS A 51 -4.65 1.74 -1.06
N MET A 52 -3.50 1.07 -1.09
CA MET A 52 -3.44 -0.35 -0.98
C MET A 52 -2.32 -0.79 -0.06
N GLN A 53 -2.43 -0.44 1.21
CA GLN A 53 -1.36 -0.79 2.19
C GLN A 53 -1.85 -1.89 3.07
N THR A 54 -1.22 -2.17 4.18
CA THR A 54 -1.70 -3.26 4.98
C THR A 54 -1.56 -3.00 6.50
N PHE A 55 -2.44 -3.62 7.25
CA PHE A 55 -2.46 -3.60 8.69
C PHE A 55 -2.41 -5.04 9.16
N ILE A 56 -2.30 -5.27 10.43
CA ILE A 56 -2.23 -6.62 10.95
C ILE A 56 -3.58 -7.03 11.49
N CYS A 57 -3.92 -8.26 11.29
CA CYS A 57 -5.16 -8.76 11.77
C CYS A 57 -4.98 -9.22 13.21
N THR A 58 -4.96 -8.26 14.10
CA THR A 58 -4.89 -8.55 15.52
C THR A 58 -6.25 -9.07 16.05
N THR A 59 -7.28 -8.93 15.22
CA THR A 59 -8.60 -9.41 15.58
C THR A 59 -9.31 -9.96 14.33
N SER A 60 -10.06 -9.10 13.60
CA SER A 60 -10.71 -9.53 12.34
C SER A 60 -11.36 -8.37 11.57
N GLU A 61 -11.16 -7.13 12.07
CA GLU A 61 -11.86 -5.91 11.55
C GLU A 61 -13.39 -5.95 11.86
N VAL A 62 -14.02 -7.08 11.61
CA VAL A 62 -15.43 -7.24 11.84
C VAL A 62 -15.84 -6.92 13.28
N LYS A 63 -15.03 -7.35 14.23
CA LYS A 63 -15.29 -7.10 15.65
C LYS A 63 -15.29 -5.56 15.90
N CYS A 64 -14.41 -4.87 15.22
CA CYS A 64 -14.33 -3.43 15.37
C CYS A 64 -15.38 -2.75 14.52
N ARG A 65 -15.90 -3.47 13.52
CA ARG A 65 -16.99 -2.95 12.70
C ARG A 65 -18.21 -2.79 13.58
N GLU A 66 -18.41 -3.76 14.47
CA GLU A 66 -19.53 -3.76 15.40
C GLU A 66 -19.44 -2.53 16.27
N HIS A 67 -18.28 -2.30 16.79
CA HIS A 67 -18.07 -1.17 17.67
C HIS A 67 -18.04 0.17 16.89
N ALA A 68 -17.75 0.10 15.61
CA ALA A 68 -17.74 1.31 14.83
C ALA A 68 -19.14 1.75 14.57
N GLU A 69 -20.00 0.77 14.26
CA GLU A 69 -21.43 1.01 14.04
C GLU A 69 -22.11 1.45 15.32
N ALA A 70 -21.40 1.28 16.41
CA ALA A 70 -21.83 1.74 17.70
C ALA A 70 -21.62 3.26 17.83
N LYS A 71 -20.76 3.85 16.97
CA LYS A 71 -20.44 5.29 17.04
C LYS A 71 -20.20 5.89 15.64
N HIS A 72 -18.96 5.72 15.16
CA HIS A 72 -18.39 6.30 13.92
C HIS A 72 -18.85 7.73 13.58
N PRO A 73 -18.45 8.72 14.39
CA PRO A 73 -18.74 10.11 14.08
C PRO A 73 -17.93 10.60 12.90
N LYS A 74 -16.64 10.56 13.05
CA LYS A 74 -15.75 10.95 12.02
C LYS A 74 -14.40 10.33 12.27
N ALA A 75 -13.96 9.54 11.35
CA ALA A 75 -12.61 8.99 11.41
C ALA A 75 -11.64 10.09 10.98
N ASP A 76 -10.79 10.50 11.90
CA ASP A 76 -9.90 11.65 11.70
C ASP A 76 -8.54 11.21 11.22
N VAL A 77 -7.66 10.91 12.17
CA VAL A 77 -6.33 10.41 11.84
C VAL A 77 -6.41 8.91 11.64
N VAL A 78 -7.53 8.36 12.07
CA VAL A 78 -7.81 6.97 11.92
C VAL A 78 -8.65 6.78 10.67
N ALA A 79 -8.76 7.83 9.85
CA ALA A 79 -9.50 7.76 8.57
C ALA A 79 -8.83 6.80 7.58
N CYS A 80 -7.68 6.33 7.95
CA CYS A 80 -6.93 5.35 7.21
C CYS A 80 -7.54 3.97 7.41
N PHE A 81 -8.35 3.87 8.45
CA PHE A 81 -9.08 2.65 8.79
C PHE A 81 -10.22 3.07 9.75
N PRO A 82 -11.34 3.60 9.19
CA PRO A 82 -12.46 4.22 9.96
C PRO A 82 -13.20 3.28 10.90
N HIS A 83 -12.85 2.04 10.89
CA HIS A 83 -13.53 1.08 11.75
C HIS A 83 -12.88 1.11 13.13
N LEU A 84 -11.78 1.85 13.25
CA LEU A 84 -11.01 1.88 14.49
C LEU A 84 -11.21 3.19 15.27
N LYS A 85 -12.21 3.99 14.88
CA LYS A 85 -12.53 5.24 15.62
C LYS A 85 -12.68 4.99 17.14
N LYS A 86 -13.45 3.94 17.51
CA LYS A 86 -13.58 3.47 18.89
C LYS A 86 -14.44 4.40 19.76
N GLY A 1 18.53 12.60 -22.11
CA GLY A 1 17.23 13.03 -22.65
C GLY A 1 16.62 11.99 -23.55
N HIS A 2 15.48 12.31 -24.12
CA HIS A 2 14.78 11.38 -25.03
C HIS A 2 15.45 11.26 -26.41
N HIS A 3 16.42 10.37 -26.49
CA HIS A 3 17.13 10.03 -27.75
C HIS A 3 17.44 8.54 -27.80
N HIS A 4 16.77 7.76 -26.98
CA HIS A 4 16.98 6.31 -26.96
C HIS A 4 15.65 5.61 -27.08
N HIS A 5 15.35 5.18 -28.27
CA HIS A 5 14.05 4.55 -28.57
C HIS A 5 14.09 3.07 -28.19
N HIS A 6 13.25 2.68 -27.21
CA HIS A 6 13.15 1.27 -26.71
C HIS A 6 14.36 0.88 -25.87
N HIS A 7 14.22 0.89 -24.57
CA HIS A 7 15.31 0.47 -23.72
C HIS A 7 14.85 -0.71 -22.86
N LEU A 8 13.74 -1.31 -23.28
CA LEU A 8 13.18 -2.50 -22.64
C LEU A 8 14.19 -3.64 -22.70
N GLU A 9 14.73 -3.97 -21.55
CA GLU A 9 15.77 -4.96 -21.43
C GLU A 9 15.87 -5.42 -19.97
N GLY A 10 16.17 -4.47 -19.12
CA GLY A 10 16.28 -4.76 -17.71
C GLY A 10 15.83 -3.60 -16.85
N GLY A 11 16.31 -2.42 -17.20
CA GLY A 11 15.96 -1.23 -16.47
C GLY A 11 16.84 -0.09 -16.88
N GLY A 12 17.31 0.66 -15.90
CA GLY A 12 18.19 1.76 -16.19
C GLY A 12 17.44 2.98 -16.63
N ASN A 13 16.67 3.55 -15.74
CA ASN A 13 15.97 4.78 -16.03
C ASN A 13 16.59 5.93 -15.25
N ALA A 14 16.89 7.01 -15.96
CA ALA A 14 17.45 8.21 -15.37
C ALA A 14 17.19 9.39 -16.30
N GLN A 15 17.04 10.58 -15.75
CA GLN A 15 16.88 11.86 -16.50
C GLN A 15 15.60 11.92 -17.36
N LYS A 16 14.55 12.54 -16.81
CA LYS A 16 13.25 12.77 -17.51
C LYS A 16 12.46 11.49 -17.80
N SER A 17 12.98 10.37 -17.38
CA SER A 17 12.36 9.10 -17.63
C SER A 17 11.29 8.76 -16.57
N ALA A 18 10.75 9.79 -15.91
CA ALA A 18 9.73 9.66 -14.86
C ALA A 18 8.52 8.85 -15.36
N MET A 19 8.12 9.06 -16.61
CA MET A 19 7.02 8.28 -17.17
C MET A 19 7.54 7.25 -18.17
N ALA A 20 8.76 7.44 -18.61
CA ALA A 20 9.38 6.53 -19.58
C ALA A 20 9.73 5.20 -18.91
N ARG A 21 9.85 5.22 -17.59
CA ARG A 21 10.15 4.02 -16.82
C ARG A 21 9.00 3.01 -16.91
N ALA A 22 7.81 3.49 -17.24
CA ALA A 22 6.65 2.61 -17.34
C ALA A 22 6.60 1.93 -18.70
N LYS A 23 7.58 2.21 -19.53
CA LYS A 23 7.69 1.58 -20.85
C LYS A 23 8.83 0.60 -20.83
N ASN A 24 9.84 0.91 -20.03
CA ASN A 24 11.03 0.08 -19.95
C ASN A 24 10.91 -0.95 -18.83
N LEU A 25 9.87 -0.80 -18.02
CA LEU A 25 9.57 -1.69 -16.90
C LEU A 25 8.12 -2.12 -17.00
N GLU A 26 7.59 -2.75 -15.96
CA GLU A 26 6.22 -3.21 -16.01
C GLU A 26 5.30 -2.40 -15.08
N LYS A 27 4.04 -2.78 -15.03
CA LYS A 27 3.07 -2.06 -14.25
C LYS A 27 2.90 -2.69 -12.87
N ALA A 28 3.78 -2.34 -11.98
CA ALA A 28 3.74 -2.82 -10.60
C ALA A 28 2.50 -2.32 -9.86
N LYS A 29 2.09 -3.07 -8.85
CA LYS A 29 0.91 -2.73 -8.06
C LYS A 29 1.33 -2.31 -6.64
N ALA A 30 2.62 -2.15 -6.46
CA ALA A 30 3.18 -1.78 -5.17
C ALA A 30 2.72 -0.39 -4.74
N ALA A 31 2.26 -0.29 -3.50
CA ALA A 31 1.76 0.96 -2.91
C ALA A 31 2.83 2.04 -2.83
N GLY A 32 4.07 1.62 -2.69
CA GLY A 32 5.18 2.55 -2.65
C GLY A 32 5.47 3.07 -1.27
N LYS A 33 4.52 3.81 -0.71
CA LYS A 33 4.70 4.39 0.62
C LYS A 33 4.72 3.30 1.67
N GLY A 34 5.89 3.07 2.24
CA GLY A 34 6.01 2.06 3.29
C GLY A 34 6.61 0.79 2.74
N SER A 35 6.71 0.73 1.44
CA SER A 35 7.23 -0.41 0.79
C SER A 35 8.75 -0.26 0.71
N GLN A 36 9.45 -1.09 1.46
CA GLN A 36 10.91 -1.06 1.49
C GLN A 36 11.37 -2.41 2.03
N LEU A 37 10.94 -2.73 3.24
CA LEU A 37 11.28 -4.02 3.85
C LEU A 37 10.29 -5.11 3.42
N GLU A 38 9.02 -4.71 3.24
CA GLU A 38 7.91 -5.57 2.73
C GLU A 38 7.46 -6.68 3.72
N ALA A 39 8.40 -7.30 4.41
CA ALA A 39 8.14 -8.40 5.35
C ALA A 39 7.17 -8.01 6.50
N ASN A 40 7.08 -6.73 6.81
CA ASN A 40 6.21 -6.27 7.87
C ASN A 40 4.77 -6.17 7.39
N LYS A 41 4.03 -7.26 7.61
CA LYS A 41 2.67 -7.44 7.17
C LYS A 41 2.55 -7.52 5.65
N LYS A 42 2.73 -8.73 5.12
CA LYS A 42 2.77 -8.97 3.66
C LYS A 42 1.45 -8.62 2.94
N ALA A 43 0.41 -8.37 3.71
CA ALA A 43 -0.89 -8.04 3.16
C ALA A 43 -1.06 -6.51 3.05
N MET A 44 0.02 -5.77 3.40
CA MET A 44 0.05 -4.27 3.35
C MET A 44 -0.85 -3.67 4.43
N SER A 45 -1.32 -4.53 5.29
CA SER A 45 -2.13 -4.23 6.41
C SER A 45 -3.43 -3.46 6.18
N ILE A 46 -3.45 -2.21 6.58
CA ILE A 46 -4.67 -1.41 6.52
C ILE A 46 -4.40 -0.09 5.78
N GLN A 47 -5.25 0.27 4.84
CA GLN A 47 -5.05 1.50 4.07
C GLN A 47 -5.89 2.64 4.64
N CYS A 48 -5.27 3.78 4.76
CA CYS A 48 -5.88 4.97 5.31
C CYS A 48 -6.93 5.56 4.39
N LYS A 49 -8.07 5.88 4.98
CA LYS A 49 -9.24 6.46 4.32
C LYS A 49 -8.90 7.77 3.59
N VAL A 50 -7.91 8.50 4.14
CA VAL A 50 -7.53 9.82 3.64
C VAL A 50 -7.07 9.81 2.18
N CYS A 51 -6.53 8.68 1.76
CA CYS A 51 -6.03 8.51 0.43
C CYS A 51 -5.62 7.07 0.23
N MET A 52 -4.32 6.81 0.33
CA MET A 52 -3.80 5.49 0.18
C MET A 52 -2.60 5.27 1.10
N GLN A 53 -2.81 5.40 2.40
CA GLN A 53 -1.70 5.23 3.37
C GLN A 53 -1.89 3.94 4.08
N THR A 54 -1.11 3.65 5.08
CA THR A 54 -1.27 2.39 5.71
C THR A 54 -1.06 2.47 7.24
N PHE A 55 -1.69 1.55 7.90
CA PHE A 55 -1.61 1.36 9.32
C PHE A 55 -1.32 -0.13 9.51
N ILE A 56 -0.48 -0.45 10.45
CA ILE A 56 -0.02 -1.83 10.64
C ILE A 56 -1.17 -2.74 11.09
N CYS A 57 -1.13 -3.98 10.67
CA CYS A 57 -2.12 -4.96 11.04
C CYS A 57 -1.89 -5.48 12.45
N THR A 58 -2.19 -4.65 13.43
CA THR A 58 -2.20 -5.10 14.81
C THR A 58 -3.51 -5.82 15.10
N THR A 59 -4.51 -5.55 14.30
CA THR A 59 -5.77 -6.20 14.43
C THR A 59 -6.03 -7.00 13.15
N SER A 60 -6.77 -8.09 13.26
CA SER A 60 -7.02 -9.00 12.14
C SER A 60 -8.19 -8.47 11.25
N GLU A 61 -8.57 -7.18 11.44
CA GLU A 61 -9.72 -6.54 10.73
C GLU A 61 -11.06 -7.18 11.13
N VAL A 62 -11.22 -8.45 10.88
CA VAL A 62 -12.47 -9.12 11.14
C VAL A 62 -12.89 -9.01 12.62
N LYS A 63 -11.91 -8.89 13.51
CA LYS A 63 -12.21 -8.75 14.91
C LYS A 63 -12.64 -7.30 15.19
N CYS A 64 -12.04 -6.34 14.50
CA CYS A 64 -12.44 -4.96 14.68
C CYS A 64 -13.74 -4.72 13.95
N ARG A 65 -13.93 -5.46 12.88
CA ARG A 65 -15.11 -5.45 12.06
C ARG A 65 -16.37 -5.75 12.87
N GLU A 66 -16.40 -6.93 13.51
CA GLU A 66 -17.56 -7.34 14.31
C GLU A 66 -17.78 -6.35 15.47
N HIS A 67 -16.67 -5.85 15.94
CA HIS A 67 -16.59 -4.91 17.03
C HIS A 67 -16.96 -3.49 16.55
N ALA A 68 -17.00 -3.31 15.25
CA ALA A 68 -17.36 -2.05 14.65
C ALA A 68 -18.83 -2.07 14.24
N GLU A 69 -19.23 -3.15 13.56
CA GLU A 69 -20.62 -3.32 13.09
C GLU A 69 -21.63 -3.18 14.22
N ALA A 70 -21.26 -3.69 15.38
CA ALA A 70 -22.14 -3.66 16.53
C ALA A 70 -22.00 -2.36 17.35
N LYS A 71 -21.15 -1.43 16.88
CA LYS A 71 -20.91 -0.19 17.59
C LYS A 71 -20.86 1.00 16.64
N HIS A 72 -19.68 1.19 16.02
CA HIS A 72 -19.36 2.30 15.12
C HIS A 72 -19.88 3.68 15.59
N PRO A 73 -19.37 4.17 16.78
CA PRO A 73 -19.76 5.46 17.38
C PRO A 73 -19.79 6.63 16.38
N LYS A 74 -18.66 6.88 15.70
CA LYS A 74 -18.56 7.98 14.73
C LYS A 74 -17.19 8.02 14.03
N ALA A 75 -16.16 7.45 14.70
CA ALA A 75 -14.77 7.41 14.20
C ALA A 75 -14.10 8.77 14.34
N ASP A 76 -13.26 8.89 15.35
CA ASP A 76 -12.58 10.14 15.68
C ASP A 76 -11.16 10.15 15.16
N VAL A 77 -10.26 9.59 15.93
CA VAL A 77 -8.87 9.48 15.49
C VAL A 77 -8.73 8.27 14.61
N VAL A 78 -9.75 7.42 14.67
CA VAL A 78 -9.82 6.25 13.86
C VAL A 78 -10.69 6.53 12.65
N ALA A 79 -11.03 7.81 12.42
CA ALA A 79 -11.81 8.25 11.24
C ALA A 79 -11.07 7.98 9.94
N CYS A 80 -9.80 7.63 10.07
CA CYS A 80 -8.97 7.28 8.96
C CYS A 80 -9.17 5.81 8.57
N PHE A 81 -9.91 5.10 9.38
CA PHE A 81 -10.35 3.75 9.07
C PHE A 81 -11.44 3.38 10.07
N PRO A 82 -12.71 3.80 9.77
CA PRO A 82 -13.87 3.64 10.70
C PRO A 82 -14.21 2.21 11.16
N HIS A 83 -13.44 1.23 10.74
CA HIS A 83 -13.70 -0.16 11.19
C HIS A 83 -12.98 -0.48 12.46
N LEU A 84 -12.14 0.40 12.90
CA LEU A 84 -11.38 0.14 14.11
C LEU A 84 -12.18 0.62 15.31
N LYS A 85 -12.92 1.73 15.07
CA LYS A 85 -13.71 2.48 16.02
C LYS A 85 -13.13 2.76 17.43
N LYS A 86 -13.78 3.67 18.14
CA LYS A 86 -13.42 3.99 19.50
C LYS A 86 -14.10 2.99 20.42
#